data_5J2M
#
_entry.id   5J2M
#
_cell.length_a   167.468
_cell.length_b   169.758
_cell.length_c   101.951
_cell.angle_alpha   90.000
_cell.angle_beta   90.000
_cell.angle_gamma   90.000
#
_symmetry.space_group_name_H-M   'C 2 2 21'
#
loop_
_entity.id
_entity.type
_entity.pdbx_description
1 polymer 'HIV-1 reverse transcriptase p51 subunit'
2 polymer 'HIV-1 reverse transcriptase p51 subunit'
3 polymer "DNA (5'-D(*AP*CP*AP*GP*TP*CP*CP*CP*TP*GP*TP*TP*CP*GP*GP*(MRG)P*CP*GP*CP*CP*G)-3')"
4 polymer 'DNA (27-MER)'
5 non-polymer 'MAGNESIUM ION'
6 non-polymer "2'-deoxy-4'-ethynyl-2-fluoroadenosine 5'-(tetrahydrogen triphosphate)"
7 water water
#
loop_
_entity_poly.entity_id
_entity_poly.type
_entity_poly.pdbx_seq_one_letter_code
_entity_poly.pdbx_strand_id
1 'polypeptide(L)'
;PISPIETVPVKLKPGMDGPKVKQWPLTEEKIKALVEICTEMEKEGKISKIGPENPYNTPVFAIKKKDSTKWRKLVDFREL
NKRTQDFWEVQLGIPHPAGLKKKKSVTVLDVGDAYFSVPLDEDFRKYTAFTIPSINNETPGIRYQYNVLPQGWKGSPAIF
QSSMTKILEPFRKQNPDIVIYQYMDDLYVGSDLEIGQHRTKIEELRQHLLRWGLTTPDKKHQKEPPFLWMGYELHPDKWT
VQPIVLPEKDSWTVNDICKLVGKLNWASQIYPGIKVRQLSKLLRGTKALTEVIPLTEEAELELAENREILKEPVHGVYYD
PSKDLIAEIQKQGQGQWTYQIYQEPFKNLKTGKYARMRGAHTNDVKQLTEAVQKITTESIVIWGKTPKFKLPIQKETWET
WWTEYWQATWIPEWEFVNTPPLVKLWYQLEKEPIVGAETFYVDGAANRETKLGKAGYVTNRGRQKVVTLTDTTNQKTELQ
AIYLALQDSGLEVNIVTDSQYALGIIQAQPDQSESELVNQIIEQLIKKEKVYLAWVPAHKGIGGNEQVDKLVSAGIRKVL
;
A
2 'polypeptide(L)'
;PISPIETVPVKLKPGMDGPKVKQWPLTEEKIKALVEICTEMEKEGKISKIGPENPYNTPVFAIKKKDSTKWRKLVDFREL
NKRTQDFWEVQLGIPHPAGLKKKKSVTVLDVGDAYFSVPLDEDFRKYTAFTIPSINNETPGIRYQYNVLPQGWKGSPAIF
QSSMTKILEPFRKQNPDIVIYQYMDDLYVGSDLEIGQHRTKIEELRQHLLRWGLTTPDKKHQKEPPFLWMGYELHPDKWT
VQPIVLPEKDSWTVNDIQKLVGKLNWASQIYPGIKVRQLSKLLRGTKALTEVIPLTEEAELELAENREILKEPVHGVYYD
PSKDLIAEIQKQGQGQWTYQIYQEPFKNLKTGKYARMRGAHTNDVKQLTEAVQKITTESIVIWGKTPKFKLPIQKETWET
WWTEYWQATWIPEWEFVNTPPLVKLWYQLEKEPIVGAETF
;
B
3 'polydeoxyribonucleotide'
;(DA)(DC)(DA)(DG)(DT)(DC)(DC)(DC)(DT)(DG)(DT)(DT)(DC)(DG)(DG)(MRG)(DC)(DG)(DC)
(DC)(DG)
;
P
4 'polydeoxyribonucleotide'
;(DA)(DT)(DG)(DG)(DT)(DC)(DG)(DG)(DC)(DG)(DC)(DC)(DC)(DG)(DA)(DA)(DC)(DA)(DG)(DG)
(DG)(DA)(DC)(DT)(DG)(DT)(DG)
;
T
#
loop_
_chem_comp.id
_chem_comp.type
_chem_comp.name
_chem_comp.formula
6FN non-polymer '2'-deoxy-4'-ethynyl-2-fluoroadenosine 5'-(tetrahydrogen triphosphate)' 'C12 H15 F N5 O12 P3'
DA DNA linking 2'-DEOXYADENOSINE-5'-MONOPHOSPHATE 'C10 H14 N5 O6 P'
DC DNA linking 2'-DEOXYCYTIDINE-5'-MONOPHOSPHATE 'C9 H14 N3 O7 P'
DG DNA linking 2'-DEOXYGUANOSINE-5'-MONOPHOSPHATE 'C10 H14 N5 O7 P'
DT DNA linking THYMIDINE-5'-MONOPHOSPHATE 'C10 H15 N2 O8 P'
MG non-polymer 'MAGNESIUM ION' 'Mg 2'
MRG DNA linking N2-(3-MERCAPTOPROPYL)-2'-DEOXYGUANOSINE-5'-MONOPHOSPHATE 'C13 H20 N5 O7 P S'
#
# COMPACT_ATOMS: atom_id res chain seq x y z
N PRO A 1 41.04 15.49 -0.75
CA PRO A 1 40.71 16.72 -1.47
C PRO A 1 39.22 17.05 -1.40
N ILE A 2 38.78 18.04 -2.17
CA ILE A 2 37.38 18.44 -2.25
C ILE A 2 36.89 18.15 -3.66
N SER A 3 35.72 17.52 -3.77
CA SER A 3 35.21 17.09 -5.06
C SER A 3 34.92 18.30 -5.94
N PRO A 4 35.29 18.27 -7.22
CA PRO A 4 34.90 19.33 -8.15
C PRO A 4 33.47 19.24 -8.65
N ILE A 5 32.65 18.38 -8.06
CA ILE A 5 31.25 18.28 -8.46
C ILE A 5 30.52 19.56 -8.07
N GLU A 6 29.48 19.89 -8.84
CA GLU A 6 28.70 21.09 -8.55
C GLU A 6 27.95 20.94 -7.23
N THR A 7 27.78 22.05 -6.53
CA THR A 7 27.03 22.06 -5.30
C THR A 7 25.53 22.00 -5.59
N VAL A 8 24.77 21.49 -4.63
CA VAL A 8 23.32 21.44 -4.72
C VAL A 8 22.77 22.72 -4.07
N PRO A 9 21.96 23.51 -4.78
CA PRO A 9 21.42 24.73 -4.18
C PRO A 9 20.42 24.40 -3.09
N VAL A 10 20.59 25.04 -1.93
CA VAL A 10 19.74 24.82 -0.77
C VAL A 10 19.37 26.17 -0.17
N LYS A 11 18.09 26.32 0.17
CA LYS A 11 17.57 27.53 0.78
C LYS A 11 17.00 27.22 2.16
N LEU A 12 16.80 28.27 2.94
CA LEU A 12 16.06 28.15 4.19
C LEU A 12 14.57 28.25 3.92
N LYS A 13 13.77 27.88 4.92
CA LYS A 13 12.34 28.06 4.82
C LYS A 13 12.01 29.56 4.81
N PRO A 14 10.90 29.95 4.19
CA PRO A 14 10.57 31.38 4.10
C PRO A 14 10.43 32.02 5.47
N GLY A 15 10.95 33.24 5.59
CA GLY A 15 10.86 33.99 6.83
C GLY A 15 11.66 33.40 7.97
N MET A 16 12.77 32.72 7.68
CA MET A 16 13.58 32.07 8.68
C MET A 16 15.01 32.58 8.60
N ASP A 17 15.72 32.51 9.73
CA ASP A 17 17.10 32.93 9.83
C ASP A 17 17.94 31.81 10.42
N GLY A 18 19.26 31.92 10.27
CA GLY A 18 20.17 30.93 10.77
C GLY A 18 20.13 30.78 12.27
N PRO A 19 20.71 29.71 12.79
CA PRO A 19 20.66 29.44 14.23
C PRO A 19 21.63 30.31 15.01
N LYS A 20 21.28 30.55 16.28
CA LYS A 20 22.10 31.33 17.20
C LYS A 20 22.08 30.60 18.55
N VAL A 21 22.83 29.50 18.63
CA VAL A 21 22.92 28.68 19.82
C VAL A 21 24.37 28.62 20.25
N LYS A 22 24.64 28.90 21.53
CA LYS A 22 26.00 28.95 22.02
C LYS A 22 26.53 27.56 22.33
N GLN A 23 27.85 27.43 22.28
CA GLN A 23 28.49 26.14 22.49
C GLN A 23 28.40 25.71 23.95
N TRP A 24 28.09 24.44 24.17
CA TRP A 24 28.10 23.90 25.52
C TRP A 24 29.51 23.43 25.88
N PRO A 25 29.82 23.34 27.19
CA PRO A 25 31.18 22.92 27.57
C PRO A 25 31.50 21.51 27.08
N LEU A 26 32.76 21.31 26.72
CA LEU A 26 33.24 20.05 26.18
C LEU A 26 34.41 19.55 27.00
N THR A 27 34.63 18.23 26.95
CA THR A 27 35.77 17.63 27.62
C THR A 27 37.07 18.11 26.98
N GLU A 28 38.12 18.18 27.81
CA GLU A 28 39.43 18.53 27.29
C GLU A 28 39.89 17.54 26.23
N GLU A 29 39.56 16.26 26.41
CA GLU A 29 39.89 15.25 25.40
C GLU A 29 39.17 15.53 24.09
N LYS A 30 37.90 15.90 24.14
CA LYS A 30 37.16 16.18 22.93
C LYS A 30 37.62 17.48 22.29
N ILE A 31 37.99 18.47 23.10
CA ILE A 31 38.51 19.73 22.55
C ILE A 31 39.83 19.49 21.82
N LYS A 32 40.69 18.65 22.38
CA LYS A 32 41.95 18.33 21.72
C LYS A 32 41.71 17.62 20.39
N ALA A 33 40.69 16.77 20.33
CA ALA A 33 40.38 16.08 19.08
C ALA A 33 39.78 17.03 18.05
N LEU A 34 38.95 17.98 18.50
CA LEU A 34 38.31 18.89 17.55
C LEU A 34 39.31 19.86 16.95
N VAL A 35 40.22 20.41 17.76
CA VAL A 35 41.19 21.36 17.22
C VAL A 35 42.15 20.65 16.25
N GLU A 36 42.48 19.38 16.51
CA GLU A 36 43.33 18.64 15.60
C GLU A 36 42.62 18.40 14.26
N ILE A 37 41.31 18.15 14.31
CA ILE A 37 40.56 17.92 13.10
C ILE A 37 40.35 19.22 12.33
N CYS A 38 40.06 20.31 13.03
CA CYS A 38 39.68 21.55 12.36
C CYS A 38 40.88 22.33 11.83
N THR A 39 42.03 22.26 12.49
CA THR A 39 43.21 22.89 11.93
C THR A 39 43.62 22.21 10.62
N GLU A 40 43.38 20.90 10.50
CA GLU A 40 43.68 20.20 9.26
C GLU A 40 42.64 20.50 8.19
N MET A 41 41.36 20.53 8.57
CA MET A 41 40.31 20.84 7.59
C MET A 41 40.43 22.27 7.08
N GLU A 42 40.89 23.19 7.93
CA GLU A 42 41.06 24.57 7.48
C GLU A 42 42.20 24.69 6.47
N LYS A 43 43.25 23.89 6.62
CA LYS A 43 44.34 23.91 5.65
C LYS A 43 43.90 23.38 4.30
N GLU A 44 42.94 22.46 4.27
CA GLU A 44 42.46 21.86 3.04
C GLU A 44 41.29 22.61 2.43
N GLY A 45 40.88 23.74 3.02
CA GLY A 45 39.77 24.50 2.51
C GLY A 45 38.40 23.94 2.83
N LYS A 46 38.33 22.87 3.63
CA LYS A 46 37.04 22.27 3.94
C LYS A 46 36.25 23.12 4.92
N ILE A 47 36.93 23.91 5.76
CA ILE A 47 36.29 24.90 6.61
C ILE A 47 37.06 26.21 6.49
N SER A 48 36.37 27.30 6.78
CA SER A 48 36.95 28.63 6.67
C SER A 48 36.70 29.42 7.94
N LYS A 49 37.71 30.17 8.38
CA LYS A 49 37.56 31.03 9.54
C LYS A 49 36.62 32.17 9.24
N ILE A 50 35.84 32.58 10.25
CA ILE A 50 34.87 33.66 10.11
C ILE A 50 35.12 34.68 11.21
N GLY A 51 34.62 35.89 10.97
CA GLY A 51 34.77 36.98 11.92
C GLY A 51 33.44 37.42 12.50
N PRO A 52 33.39 38.66 12.99
CA PRO A 52 32.15 39.18 13.59
C PRO A 52 31.03 39.39 12.58
N GLU A 53 31.30 39.32 11.28
CA GLU A 53 30.26 39.47 10.28
C GLU A 53 29.34 38.26 10.21
N ASN A 54 29.66 37.18 10.92
CA ASN A 54 28.81 36.00 10.98
C ASN A 54 28.15 35.92 12.35
N PRO A 55 26.86 36.21 12.47
CA PRO A 55 26.20 36.21 13.78
C PRO A 55 25.66 34.86 14.24
N TYR A 56 25.88 33.80 13.47
CA TYR A 56 25.29 32.50 13.76
C TYR A 56 26.27 31.61 14.51
N ASN A 57 25.73 30.54 15.11
CA ASN A 57 26.53 29.54 15.80
C ASN A 57 25.65 28.33 16.10
N THR A 58 26.30 27.17 16.21
CA THR A 58 25.63 25.91 16.50
C THR A 58 26.60 25.04 17.30
N PRO A 59 26.15 24.40 18.38
CA PRO A 59 27.07 23.59 19.18
C PRO A 59 27.64 22.42 18.39
N VAL A 60 28.86 22.02 18.76
CA VAL A 60 29.53 20.88 18.17
C VAL A 60 30.01 19.96 19.30
N PHE A 61 30.26 18.70 18.93
CA PHE A 61 30.78 17.71 19.85
C PHE A 61 31.43 16.61 19.03
N ALA A 62 31.86 15.54 19.70
CA ALA A 62 32.55 14.47 19.01
C ALA A 62 32.31 13.15 19.74
N ILE A 63 32.29 12.06 18.98
CA ILE A 63 32.17 10.71 19.49
C ILE A 63 33.23 9.83 18.82
N LYS A 64 33.37 8.62 19.33
CA LYS A 64 34.31 7.67 18.76
C LYS A 64 33.71 7.03 17.50
N LYS A 65 34.59 6.63 16.59
CA LYS A 65 34.17 5.93 15.39
C LYS A 65 34.17 4.43 15.63
N LYS A 66 33.79 3.67 14.61
CA LYS A 66 33.81 2.21 14.71
C LYS A 66 35.22 1.69 14.93
N ASP A 67 36.23 2.39 14.41
CA ASP A 67 37.62 2.01 14.63
C ASP A 67 38.06 2.28 16.07
N SER A 68 37.33 3.12 16.80
CA SER A 68 37.54 3.45 18.21
C SER A 68 38.83 4.22 18.46
N THR A 69 39.66 4.45 17.46
CA THR A 69 40.86 5.26 17.61
C THR A 69 40.66 6.69 17.10
N LYS A 70 39.81 6.89 16.11
CA LYS A 70 39.56 8.18 15.52
C LYS A 70 38.25 8.78 16.04
N TRP A 71 38.13 10.09 15.90
CA TRP A 71 36.96 10.83 16.36
C TRP A 71 36.12 11.29 15.18
N ARG A 72 34.82 11.49 15.43
CA ARG A 72 33.88 11.97 14.44
C ARG A 72 33.32 13.31 14.90
N LYS A 73 33.56 14.36 14.12
CA LYS A 73 33.06 15.69 14.45
C LYS A 73 31.59 15.80 14.10
N LEU A 74 30.75 15.99 15.10
CA LEU A 74 29.31 16.12 14.92
C LEU A 74 28.84 17.52 15.30
N VAL A 75 27.73 17.94 14.71
CA VAL A 75 27.14 19.24 14.97
C VAL A 75 25.66 19.05 15.28
N ASP A 76 25.20 19.66 16.37
CA ASP A 76 23.80 19.57 16.79
C ASP A 76 22.99 20.63 16.04
N PHE A 77 22.78 20.37 14.75
CA PHE A 77 22.06 21.27 13.86
C PHE A 77 20.54 21.20 14.03
N ARG A 78 20.05 20.77 15.20
CA ARG A 78 18.60 20.57 15.36
C ARG A 78 17.82 21.85 15.07
N GLU A 79 18.38 23.01 15.42
CA GLU A 79 17.67 24.26 15.17
C GLU A 79 17.72 24.65 13.71
N LEU A 80 18.89 24.50 13.06
CA LEU A 80 18.99 24.79 11.64
C LEU A 80 18.17 23.82 10.80
N ASN A 81 18.06 22.57 11.24
CA ASN A 81 17.30 21.57 10.49
C ASN A 81 15.81 21.94 10.45
N LYS A 82 15.29 22.51 11.54
CA LYS A 82 13.89 22.94 11.54
C LYS A 82 13.65 24.06 10.54
N ARG A 83 14.67 24.84 10.24
CA ARG A 83 14.54 26.02 9.39
C ARG A 83 15.06 25.81 7.98
N THR A 84 15.56 24.61 7.67
CA THR A 84 16.04 24.28 6.33
C THR A 84 14.89 23.75 5.48
N GLN A 85 14.99 23.99 4.18
CA GLN A 85 14.01 23.52 3.21
C GLN A 85 13.81 22.01 3.28
N ASP A 86 12.67 21.53 2.81
CA ASP A 86 12.46 20.09 2.72
C ASP A 86 13.27 19.51 1.57
N PHE A 87 13.63 18.23 1.72
CA PHE A 87 14.29 17.46 0.67
C PHE A 87 13.46 16.22 0.38
N TRP A 88 13.68 15.64 -0.80
CA TRP A 88 13.15 14.32 -1.11
C TRP A 88 14.27 13.31 -0.96
N GLU A 89 14.11 12.39 -0.01
CA GLU A 89 15.14 11.40 0.26
C GLU A 89 15.23 10.40 -0.87
N VAL A 90 16.45 10.21 -1.40
CA VAL A 90 16.67 9.28 -2.50
C VAL A 90 17.00 7.87 -2.02
N GLN A 91 17.29 7.69 -0.74
CA GLN A 91 17.54 6.36 -0.19
C GLN A 91 16.20 5.69 0.06
N LEU A 92 15.89 4.67 -0.75
CA LEU A 92 14.59 4.02 -0.71
C LEU A 92 14.55 2.76 0.14
N GLY A 93 15.70 2.31 0.65
CA GLY A 93 15.74 1.11 1.46
C GLY A 93 17.16 0.69 1.75
N ILE A 94 17.29 -0.50 2.31
CA ILE A 94 18.57 -1.05 2.74
C ILE A 94 18.86 -2.28 1.91
N PRO A 95 20.05 -2.41 1.32
CA PRO A 95 20.37 -3.61 0.54
C PRO A 95 20.56 -4.82 1.45
N HIS A 96 20.09 -5.97 0.96
CA HIS A 96 20.21 -7.19 1.74
C HIS A 96 21.15 -8.19 1.03
N PRO A 97 21.98 -8.91 1.79
CA PRO A 97 22.91 -9.84 1.14
C PRO A 97 22.22 -10.98 0.40
N ALA A 98 21.01 -11.35 0.80
CA ALA A 98 20.28 -12.41 0.09
C ALA A 98 19.98 -12.03 -1.35
N GLY A 99 19.93 -10.74 -1.66
CA GLY A 99 19.74 -10.29 -3.02
C GLY A 99 21.00 -10.22 -3.86
N LEU A 100 22.17 -10.42 -3.24
CA LEU A 100 23.42 -10.43 -3.98
C LEU A 100 23.51 -11.69 -4.84
N LYS A 101 23.98 -11.52 -6.07
CA LYS A 101 24.24 -12.65 -6.95
C LYS A 101 25.69 -13.08 -6.81
N LYS A 102 25.93 -14.36 -7.11
CA LYS A 102 27.29 -14.90 -7.02
C LYS A 102 28.19 -14.19 -8.02
N LYS A 103 29.31 -13.67 -7.53
CA LYS A 103 30.32 -13.03 -8.36
C LYS A 103 31.64 -13.76 -8.20
N LYS A 104 32.46 -13.71 -9.25
CA LYS A 104 33.76 -14.38 -9.20
C LYS A 104 34.72 -13.67 -8.26
N SER A 105 34.74 -12.34 -8.29
CA SER A 105 35.62 -11.55 -7.44
C SER A 105 34.83 -10.45 -6.76
N VAL A 106 35.21 -10.14 -5.53
CA VAL A 106 34.47 -9.21 -4.68
C VAL A 106 35.45 -8.27 -3.99
N THR A 107 35.08 -7.00 -3.89
CA THR A 107 35.85 -5.99 -3.16
C THR A 107 34.90 -5.11 -2.38
N VAL A 108 35.29 -4.78 -1.14
CA VAL A 108 34.55 -3.85 -0.30
C VAL A 108 35.51 -2.75 0.14
N LEU A 109 35.13 -1.49 -0.08
CA LEU A 109 35.97 -0.37 0.31
C LEU A 109 35.08 0.79 0.77
N ASP A 110 35.72 1.76 1.40
CA ASP A 110 35.04 2.89 2.03
C ASP A 110 35.81 4.17 1.72
N VAL A 111 35.08 5.28 1.64
CA VAL A 111 35.66 6.58 1.34
C VAL A 111 36.12 7.24 2.64
N GLY A 112 37.32 7.82 2.62
CA GLY A 112 37.82 8.53 3.78
C GLY A 112 37.26 9.94 3.85
N ASP A 113 36.72 10.29 5.01
CA ASP A 113 36.10 11.60 5.24
C ASP A 113 35.15 11.96 4.10
N ALA A 114 34.11 11.13 3.95
CA ALA A 114 33.25 11.20 2.78
C ALA A 114 32.49 12.52 2.71
N TYR A 115 31.77 12.86 3.79
CA TYR A 115 31.03 14.13 3.82
C TYR A 115 31.97 15.31 3.57
N PHE A 116 33.15 15.29 4.16
CA PHE A 116 34.06 16.42 4.09
C PHE A 116 34.74 16.56 2.74
N SER A 117 34.38 15.74 1.74
CA SER A 117 34.92 15.89 0.39
C SER A 117 33.90 16.42 -0.60
N VAL A 118 32.64 16.58 -0.19
CA VAL A 118 31.57 17.08 -1.06
C VAL A 118 31.32 18.54 -0.71
N PRO A 119 31.42 19.47 -1.66
CA PRO A 119 31.29 20.89 -1.32
C PRO A 119 29.85 21.26 -0.98
N LEU A 120 29.73 22.30 -0.15
CA LEU A 120 28.44 22.83 0.27
C LEU A 120 28.12 24.11 -0.49
N ASP A 121 26.83 24.36 -0.69
CA ASP A 121 26.40 25.56 -1.40
C ASP A 121 26.93 26.81 -0.72
N GLU A 122 27.51 27.71 -1.52
CA GLU A 122 28.23 28.86 -0.97
C GLU A 122 27.29 29.80 -0.21
N ASP A 123 26.08 29.99 -0.74
CA ASP A 123 25.14 30.91 -0.08
C ASP A 123 24.62 30.37 1.24
N PHE A 124 24.77 29.06 1.49
CA PHE A 124 24.29 28.43 2.71
C PHE A 124 25.38 28.26 3.76
N ARG A 125 26.64 28.48 3.40
CA ARG A 125 27.76 28.14 4.28
C ARG A 125 27.74 28.92 5.57
N LYS A 126 27.25 30.16 5.55
CA LYS A 126 27.31 31.00 6.75
C LYS A 126 26.44 30.45 7.87
N TYR A 127 25.38 29.70 7.55
CA TYR A 127 24.50 29.17 8.58
C TYR A 127 25.12 28.03 9.36
N THR A 128 26.23 27.47 8.89
CA THR A 128 26.90 26.37 9.57
C THR A 128 27.99 26.84 10.54
N ALA A 129 27.90 28.08 11.01
CA ALA A 129 28.94 28.62 11.88
C ALA A 129 29.00 27.85 13.19
N PHE A 130 30.22 27.64 13.68
CA PHE A 130 30.43 26.96 14.95
C PHE A 130 31.71 27.49 15.59
N THR A 131 31.82 27.28 16.90
CA THR A 131 32.93 27.79 17.70
C THR A 131 33.61 26.64 18.42
N ILE A 132 34.93 26.71 18.50
CA ILE A 132 35.72 25.69 19.20
C ILE A 132 36.56 26.33 20.29
N PRO A 133 36.31 26.04 21.56
CA PRO A 133 37.13 26.61 22.63
C PRO A 133 38.51 25.95 22.67
N SER A 134 39.36 26.51 23.53
CA SER A 134 40.72 26.00 23.70
C SER A 134 41.24 26.35 25.08
N ILE A 135 42.56 26.53 25.20
CA ILE A 135 43.13 26.97 26.47
C ILE A 135 42.68 28.40 26.76
N ASN A 136 42.17 28.62 27.97
CA ASN A 136 41.54 29.89 28.28
C ASN A 136 42.56 31.01 28.40
N ASN A 137 42.33 32.10 27.67
CA ASN A 137 43.12 33.32 27.71
C ASN A 137 44.55 33.14 27.21
N GLU A 138 44.95 31.90 26.91
CA GLU A 138 46.20 31.68 26.20
C GLU A 138 46.00 31.66 24.69
N THR A 139 44.85 31.15 24.24
CA THR A 139 44.38 31.29 22.88
C THR A 139 42.87 31.13 22.87
N PRO A 140 42.12 32.17 22.48
CA PRO A 140 40.66 32.10 22.59
C PRO A 140 40.03 31.13 21.61
N GLY A 141 38.71 31.01 21.66
CA GLY A 141 38.02 30.10 20.77
C GLY A 141 38.07 30.57 19.32
N ILE A 142 38.19 29.62 18.40
CA ILE A 142 38.25 29.90 16.97
C ILE A 142 36.90 29.57 16.35
N ARG A 143 36.40 30.47 15.51
CA ARG A 143 35.13 30.29 14.84
C ARG A 143 35.37 29.88 13.38
N TYR A 144 34.55 28.96 12.89
CA TYR A 144 34.65 28.48 11.52
C TYR A 144 33.27 28.40 10.89
N GLN A 145 33.26 28.19 9.59
CA GLN A 145 32.06 27.82 8.84
C GLN A 145 32.41 26.67 7.91
N TYR A 146 31.40 25.89 7.54
CA TYR A 146 31.60 24.70 6.72
C TYR A 146 31.62 25.07 5.24
N ASN A 147 32.61 24.55 4.52
CA ASN A 147 32.65 24.60 3.07
C ASN A 147 32.28 23.25 2.45
N VAL A 148 32.02 22.24 3.27
CA VAL A 148 31.66 20.91 2.83
C VAL A 148 30.44 20.46 3.63
N LEU A 149 29.98 19.25 3.36
CA LEU A 149 28.80 18.73 4.02
C LEU A 149 29.10 18.45 5.49
N PRO A 150 28.32 18.99 6.42
CA PRO A 150 28.52 18.70 7.84
C PRO A 150 27.72 17.50 8.32
N GLN A 151 28.26 16.83 9.32
CA GLN A 151 27.61 15.68 9.93
C GLN A 151 26.67 16.17 11.02
N GLY A 152 25.36 16.03 10.79
CA GLY A 152 24.37 16.51 11.71
C GLY A 152 23.31 17.35 11.03
N TRP A 153 23.59 17.75 9.79
CA TRP A 153 22.67 18.56 9.02
C TRP A 153 21.65 17.67 8.31
N LYS A 154 20.42 18.18 8.18
CA LYS A 154 19.34 17.37 7.62
C LYS A 154 19.60 17.00 6.16
N GLY A 155 20.12 17.95 5.39
CA GLY A 155 20.30 17.73 3.97
C GLY A 155 21.54 16.97 3.56
N SER A 156 22.43 16.67 4.51
CA SER A 156 23.69 16.03 4.15
C SER A 156 23.50 14.62 3.59
N PRO A 157 22.68 13.74 4.18
CA PRO A 157 22.56 12.38 3.61
C PRO A 157 22.07 12.34 2.18
N ALA A 158 20.96 13.03 1.88
CA ALA A 158 20.42 12.98 0.53
C ALA A 158 21.32 13.69 -0.47
N ILE A 159 22.03 14.74 -0.05
CA ILE A 159 22.94 15.43 -0.96
C ILE A 159 24.14 14.57 -1.27
N PHE A 160 24.68 13.88 -0.26
CA PHE A 160 25.81 12.99 -0.52
C PHE A 160 25.39 11.80 -1.38
N GLN A 161 24.25 11.19 -1.06
CA GLN A 161 23.80 10.02 -1.81
C GLN A 161 23.55 10.36 -3.27
N SER A 162 22.94 11.52 -3.54
CA SER A 162 22.73 11.95 -4.92
C SER A 162 24.05 12.29 -5.58
N SER A 163 24.95 12.96 -4.85
CA SER A 163 26.26 13.31 -5.41
C SER A 163 27.09 12.07 -5.70
N MET A 164 27.03 11.08 -4.80
CA MET A 164 27.77 9.84 -5.02
C MET A 164 27.25 9.11 -6.27
N THR A 165 25.94 9.19 -6.51
CA THR A 165 25.38 8.54 -7.69
C THR A 165 25.86 9.21 -8.97
N LYS A 166 25.90 10.55 -8.99
CA LYS A 166 26.42 11.27 -10.15
C LYS A 166 27.89 10.94 -10.37
N ILE A 167 28.65 10.77 -9.29
CA ILE A 167 30.08 10.48 -9.41
C ILE A 167 30.29 9.10 -10.00
N LEU A 168 29.51 8.11 -9.57
CA LEU A 168 29.66 6.75 -10.06
C LEU A 168 29.07 6.56 -11.45
N GLU A 169 28.24 7.49 -11.92
CA GLU A 169 27.52 7.29 -13.18
C GLU A 169 28.43 7.07 -14.38
N PRO A 170 29.51 7.85 -14.59
CA PRO A 170 30.38 7.54 -15.74
C PRO A 170 31.04 6.18 -15.64
N PHE A 171 31.38 5.72 -14.43
CA PHE A 171 31.99 4.41 -14.29
C PHE A 171 30.99 3.29 -14.56
N ARG A 172 29.74 3.47 -14.11
CA ARG A 172 28.73 2.44 -14.34
C ARG A 172 28.41 2.31 -15.82
N LYS A 173 28.32 3.45 -16.54
CA LYS A 173 28.08 3.40 -17.97
C LYS A 173 29.22 2.71 -18.69
N GLN A 174 30.46 2.97 -18.28
CA GLN A 174 31.61 2.34 -18.92
C GLN A 174 31.74 0.88 -18.54
N ASN A 175 31.31 0.50 -17.33
CA ASN A 175 31.40 -0.87 -16.84
C ASN A 175 30.03 -1.34 -16.36
N PRO A 176 29.13 -1.65 -17.31
CA PRO A 176 27.78 -2.07 -16.90
C PRO A 176 27.74 -3.46 -16.27
N ASP A 177 28.77 -4.28 -16.46
CA ASP A 177 28.80 -5.64 -15.94
C ASP A 177 29.59 -5.76 -14.64
N ILE A 178 29.80 -4.64 -13.95
CA ILE A 178 30.45 -4.61 -12.65
C ILE A 178 29.46 -4.00 -11.67
N VAL A 179 28.97 -4.80 -10.75
CA VAL A 179 27.92 -4.36 -9.82
C VAL A 179 28.56 -3.61 -8.67
N ILE A 180 28.04 -2.41 -8.39
CA ILE A 180 28.53 -1.56 -7.32
C ILE A 180 27.35 -1.25 -6.40
N TYR A 181 27.28 -1.95 -5.27
CA TYR A 181 26.27 -1.65 -4.26
C TYR A 181 26.74 -0.45 -3.45
N GLN A 182 25.98 0.65 -3.53
CA GLN A 182 26.38 1.95 -3.04
C GLN A 182 25.46 2.35 -1.88
N TYR A 183 25.95 2.19 -0.65
CA TYR A 183 25.24 2.63 0.55
C TYR A 183 26.10 3.69 1.23
N MET A 184 25.60 4.93 1.22
CA MET A 184 26.39 6.09 1.63
C MET A 184 27.71 6.11 0.87
N ASP A 185 28.82 5.99 1.59
CA ASP A 185 30.14 5.92 0.99
C ASP A 185 30.70 4.50 0.93
N ASP A 186 29.92 3.52 1.39
CA ASP A 186 30.37 2.13 1.46
C ASP A 186 30.05 1.43 0.15
N LEU A 187 31.07 0.85 -0.48
CA LEU A 187 30.94 0.27 -1.81
C LEU A 187 31.26 -1.22 -1.77
N TYR A 188 30.31 -2.03 -2.21
CA TYR A 188 30.53 -3.43 -2.53
C TYR A 188 30.68 -3.54 -4.05
N VAL A 189 31.79 -4.10 -4.50
CA VAL A 189 32.10 -4.19 -5.93
C VAL A 189 32.32 -5.65 -6.29
N GLY A 190 31.55 -6.14 -7.25
CA GLY A 190 31.67 -7.51 -7.69
C GLY A 190 31.76 -7.61 -9.19
N SER A 191 32.55 -8.57 -9.66
CA SER A 191 32.75 -8.79 -11.09
C SER A 191 32.84 -10.29 -11.35
N ASP A 192 32.73 -10.65 -12.63
CA ASP A 192 32.93 -12.02 -13.08
C ASP A 192 34.29 -12.21 -13.74
N LEU A 193 35.26 -11.39 -13.36
CA LEU A 193 36.62 -11.44 -13.89
C LEU A 193 37.53 -12.24 -12.96
N GLU A 194 38.65 -12.69 -13.52
CA GLU A 194 39.69 -13.28 -12.69
C GLU A 194 40.22 -12.24 -11.71
N ILE A 195 40.80 -12.72 -10.61
CA ILE A 195 41.20 -11.84 -9.52
C ILE A 195 42.22 -10.81 -10.01
N GLY A 196 43.04 -11.16 -11.00
CA GLY A 196 44.01 -10.20 -11.51
C GLY A 196 43.35 -9.07 -12.29
N GLN A 197 42.49 -9.42 -13.25
CA GLN A 197 41.80 -8.40 -14.02
C GLN A 197 40.78 -7.64 -13.17
N HIS A 198 40.27 -8.27 -12.10
CA HIS A 198 39.35 -7.59 -11.21
C HIS A 198 40.05 -6.46 -10.45
N ARG A 199 41.23 -6.75 -9.89
CA ARG A 199 41.93 -5.74 -9.11
C ARG A 199 42.37 -4.57 -9.97
N THR A 200 42.64 -4.80 -11.26
CA THR A 200 42.96 -3.69 -12.14
C THR A 200 41.75 -2.79 -12.36
N LYS A 201 40.56 -3.39 -12.44
CA LYS A 201 39.35 -2.59 -12.54
C LYS A 201 39.05 -1.86 -11.25
N ILE A 202 39.41 -2.46 -10.10
CA ILE A 202 39.26 -1.77 -8.82
C ILE A 202 40.12 -0.52 -8.79
N GLU A 203 41.35 -0.63 -9.31
CA GLU A 203 42.22 0.55 -9.37
C GLU A 203 41.68 1.60 -10.33
N GLU A 204 41.02 1.18 -11.41
CA GLU A 204 40.34 2.13 -12.27
C GLU A 204 39.22 2.84 -11.51
N LEU A 205 38.49 2.11 -10.68
CA LEU A 205 37.44 2.73 -9.88
C LEU A 205 38.01 3.66 -8.82
N ARG A 206 39.11 3.25 -8.17
CA ARG A 206 39.74 4.11 -7.18
C ARG A 206 40.30 5.37 -7.81
N GLN A 207 40.88 5.25 -9.00
CA GLN A 207 41.35 6.43 -9.73
C GLN A 207 40.17 7.31 -10.14
N HIS A 208 39.06 6.69 -10.54
CA HIS A 208 37.88 7.46 -10.93
C HIS A 208 37.32 8.24 -9.74
N LEU A 209 37.22 7.58 -8.59
CA LEU A 209 36.74 8.27 -7.39
C LEU A 209 37.71 9.36 -6.95
N LEU A 210 39.01 9.11 -7.11
CA LEU A 210 40.02 10.12 -6.76
C LEU A 210 39.91 11.34 -7.67
N ARG A 211 39.64 11.12 -8.95
CA ARG A 211 39.43 12.23 -9.87
C ARG A 211 38.27 13.11 -9.43
N TRP A 212 37.27 12.51 -8.78
CA TRP A 212 36.14 13.24 -8.23
C TRP A 212 36.32 13.53 -6.74
N GLY A 213 37.57 13.58 -6.28
CA GLY A 213 37.87 14.05 -4.94
C GLY A 213 37.52 13.10 -3.81
N LEU A 214 37.32 11.81 -4.10
CA LEU A 214 36.96 10.83 -3.08
C LEU A 214 38.11 9.84 -2.92
N THR A 215 38.78 9.90 -1.77
CA THR A 215 39.87 8.98 -1.48
C THR A 215 39.32 7.63 -1.02
N THR A 216 40.10 6.59 -1.27
CA THR A 216 39.79 5.23 -0.82
C THR A 216 41.02 4.70 -0.10
N PRO A 217 41.13 4.96 1.21
CA PRO A 217 42.32 4.53 1.94
C PRO A 217 42.42 3.01 1.99
N ASP A 218 43.65 2.51 1.85
CA ASP A 218 43.89 1.07 1.90
C ASP A 218 43.50 0.46 3.24
N LYS A 219 43.39 1.29 4.29
CA LYS A 219 42.98 0.80 5.59
C LYS A 219 41.58 0.21 5.55
N LYS A 220 40.68 0.82 4.77
CA LYS A 220 39.31 0.33 4.62
C LYS A 220 39.09 -0.40 3.31
N HIS A 221 40.15 -0.95 2.72
CA HIS A 221 40.09 -1.64 1.44
C HIS A 221 40.19 -3.14 1.71
N GLN A 222 39.05 -3.81 1.77
CA GLN A 222 39.01 -5.24 2.00
C GLN A 222 39.24 -6.00 0.70
N LYS A 223 40.18 -6.95 0.73
CA LYS A 223 40.55 -7.69 -0.47
C LYS A 223 40.34 -9.19 -0.34
N GLU A 224 40.07 -9.72 0.86
CA GLU A 224 39.91 -11.14 1.06
C GLU A 224 38.67 -11.41 1.90
N PRO A 225 37.99 -12.54 1.66
CA PRO A 225 36.86 -12.98 2.49
C PRO A 225 37.32 -13.48 3.87
N PRO A 226 36.46 -13.38 4.89
CA PRO A 226 35.11 -12.81 4.82
C PRO A 226 35.11 -11.29 4.76
N PHE A 227 34.24 -10.73 3.92
CA PHE A 227 34.12 -9.29 3.78
C PHE A 227 33.12 -8.76 4.80
N LEU A 228 33.54 -7.76 5.58
CA LEU A 228 32.65 -7.11 6.53
C LEU A 228 31.87 -6.03 5.80
N TRP A 229 30.55 -6.19 5.72
CA TRP A 229 29.73 -5.33 4.88
C TRP A 229 28.33 -5.22 5.47
N MET A 230 27.92 -3.99 5.81
CA MET A 230 26.55 -3.69 6.21
C MET A 230 26.11 -4.51 7.42
N GLY A 231 27.04 -4.84 8.30
CA GLY A 231 26.72 -5.66 9.46
C GLY A 231 26.69 -7.14 9.20
N TYR A 232 27.16 -7.58 8.04
CA TYR A 232 27.22 -9.00 7.69
C TYR A 232 28.66 -9.42 7.47
N GLU A 233 28.85 -10.72 7.29
CA GLU A 233 30.13 -11.30 6.88
C GLU A 233 29.91 -12.04 5.58
N LEU A 234 30.59 -11.60 4.52
CA LEU A 234 30.39 -12.13 3.18
C LEU A 234 31.48 -13.13 2.86
N HIS A 235 31.12 -14.40 2.78
CA HIS A 235 31.98 -15.47 2.32
C HIS A 235 31.72 -15.73 0.84
N PRO A 236 32.61 -16.47 0.16
CA PRO A 236 32.42 -16.69 -1.28
C PRO A 236 31.07 -17.31 -1.65
N ASP A 237 30.57 -18.25 -0.86
CA ASP A 237 29.33 -18.94 -1.20
C ASP A 237 28.28 -18.89 -0.09
N LYS A 238 28.47 -18.05 0.92
CA LYS A 238 27.49 -17.91 1.99
C LYS A 238 27.71 -16.59 2.69
N TRP A 239 26.73 -16.21 3.51
CA TRP A 239 26.81 -14.99 4.30
C TRP A 239 26.18 -15.24 5.66
N THR A 240 26.64 -14.47 6.66
CA THR A 240 26.11 -14.56 8.01
C THR A 240 26.03 -13.17 8.59
N VAL A 241 25.22 -13.04 9.63
CA VAL A 241 25.09 -11.78 10.36
C VAL A 241 26.18 -11.72 11.42
N GLN A 242 26.70 -10.52 11.66
CA GLN A 242 27.69 -10.34 12.71
C GLN A 242 27.08 -10.71 14.07
N PRO A 243 27.90 -11.21 15.00
CA PRO A 243 27.36 -11.76 16.25
C PRO A 243 26.43 -10.78 16.98
N ILE A 244 25.25 -11.28 17.32
CA ILE A 244 24.23 -10.51 18.04
C ILE A 244 24.28 -10.91 19.50
N VAL A 245 24.39 -9.92 20.39
CA VAL A 245 24.50 -10.15 21.82
C VAL A 245 23.25 -9.59 22.47
N LEU A 246 22.43 -10.47 23.05
CA LEU A 246 21.24 -10.01 23.74
C LEU A 246 21.59 -9.53 25.16
N PRO A 247 20.95 -8.47 25.62
CA PRO A 247 21.15 -8.04 27.02
C PRO A 247 20.67 -9.11 27.99
N GLU A 248 21.38 -9.25 29.10
CA GLU A 248 21.13 -10.32 30.07
C GLU A 248 20.97 -9.70 31.46
N LYS A 249 19.86 -9.00 31.65
CA LYS A 249 19.54 -8.37 32.92
C LYS A 249 18.61 -9.27 33.74
N ASP A 250 18.55 -8.98 35.04
CA ASP A 250 17.58 -9.59 35.93
C ASP A 250 16.41 -8.65 36.23
N SER A 251 16.47 -7.41 35.73
CA SER A 251 15.43 -6.41 35.93
C SER A 251 15.33 -5.59 34.65
N TRP A 252 14.36 -5.93 33.81
CA TRP A 252 14.22 -5.30 32.51
C TRP A 252 13.38 -4.03 32.60
N THR A 253 13.80 -3.01 31.86
CA THR A 253 13.07 -1.75 31.72
C THR A 253 12.48 -1.66 30.32
N VAL A 254 11.68 -0.61 30.11
CA VAL A 254 11.12 -0.37 28.78
C VAL A 254 12.23 -0.21 27.75
N ASN A 255 13.26 0.56 28.08
CA ASN A 255 14.40 0.71 27.19
C ASN A 255 15.11 -0.62 26.97
N ASP A 256 15.16 -1.46 28.00
CA ASP A 256 15.80 -2.76 27.86
C ASP A 256 14.97 -3.68 26.97
N ILE A 257 13.64 -3.59 27.04
CA ILE A 257 12.80 -4.39 26.16
C ILE A 257 12.89 -3.87 24.72
N CYS A 258 13.00 -2.54 24.56
CA CYS A 258 13.12 -1.96 23.23
C CYS A 258 14.35 -2.49 22.51
N LYS A 259 15.51 -2.48 23.18
CA LYS A 259 16.73 -2.99 22.56
C LYS A 259 16.69 -4.51 22.43
N LEU A 260 15.95 -5.19 23.31
CA LEU A 260 15.82 -6.64 23.19
C LEU A 260 15.00 -7.02 21.96
N VAL A 261 13.83 -6.43 21.80
CA VAL A 261 12.98 -6.72 20.65
C VAL A 261 13.65 -6.24 19.37
N GLY A 262 14.34 -5.10 19.43
CA GLY A 262 15.01 -4.59 18.24
C GLY A 262 16.06 -5.55 17.71
N LYS A 263 16.87 -6.12 18.60
CA LYS A 263 17.88 -7.08 18.16
C LYS A 263 17.25 -8.40 17.73
N LEU A 264 16.09 -8.75 18.30
CA LEU A 264 15.40 -9.96 17.88
C LEU A 264 14.84 -9.81 16.46
N ASN A 265 14.23 -8.66 16.16
CA ASN A 265 13.76 -8.40 14.81
C ASN A 265 14.91 -8.40 13.82
N TRP A 266 16.06 -7.84 14.23
CA TRP A 266 17.24 -7.87 13.38
C TRP A 266 17.76 -9.29 13.19
N ALA A 267 17.62 -10.13 14.21
CA ALA A 267 18.08 -11.51 14.11
C ALA A 267 17.14 -12.37 13.26
N SER A 268 15.86 -12.02 13.23
CA SER A 268 14.86 -12.83 12.53
C SER A 268 15.10 -12.91 11.03
N GLN A 269 15.98 -12.08 10.48
CA GLN A 269 16.24 -12.11 9.04
C GLN A 269 16.96 -13.37 8.60
N ILE A 270 17.63 -14.08 9.51
CA ILE A 270 18.37 -15.28 9.16
C ILE A 270 18.15 -16.37 10.21
N TYR A 271 17.72 -15.95 11.41
CA TYR A 271 17.39 -16.91 12.46
C TYR A 271 15.92 -17.27 12.39
N PRO A 272 15.57 -18.54 12.13
CA PRO A 272 14.16 -18.91 12.02
C PRO A 272 13.51 -19.12 13.38
N GLY A 273 12.22 -18.81 13.44
CA GLY A 273 11.40 -19.06 14.61
C GLY A 273 11.40 -17.99 15.67
N ILE A 274 11.85 -16.77 15.35
CA ILE A 274 11.90 -15.70 16.34
C ILE A 274 10.48 -15.22 16.63
N LYS A 275 10.16 -15.05 17.92
CA LYS A 275 8.87 -14.55 18.36
C LYS A 275 9.08 -13.40 19.33
N VAL A 276 8.24 -12.37 19.20
CA VAL A 276 8.38 -11.16 20.01
C VAL A 276 7.01 -10.67 20.49
N ARG A 277 5.97 -11.50 20.34
CA ARG A 277 4.62 -11.08 20.72
C ARG A 277 4.54 -10.81 22.22
N GLN A 278 4.99 -11.76 23.05
CA GLN A 278 4.85 -11.60 24.48
C GLN A 278 5.78 -10.53 25.03
N LEU A 279 6.93 -10.33 24.39
CA LEU A 279 7.83 -9.27 24.83
C LEU A 279 7.32 -7.89 24.42
N SER A 280 6.67 -7.80 23.25
CA SER A 280 6.12 -6.53 22.81
C SER A 280 4.85 -6.16 23.57
N LYS A 281 4.09 -7.15 24.05
CA LYS A 281 2.89 -6.85 24.82
C LYS A 281 3.22 -6.13 26.12
N LEU A 282 4.40 -6.40 26.69
CA LEU A 282 4.83 -5.75 27.93
C LEU A 282 5.00 -4.25 27.77
N LEU A 283 4.97 -3.72 26.55
CA LEU A 283 5.18 -2.31 26.29
C LEU A 283 3.88 -1.52 26.21
N ARG A 284 2.74 -2.17 26.37
CA ARG A 284 1.46 -1.48 26.27
C ARG A 284 1.20 -0.63 27.49
N GLY A 285 0.73 0.60 27.26
CA GLY A 285 0.39 1.51 28.35
C GLY A 285 1.58 2.14 29.05
N THR A 286 2.81 1.77 28.68
CA THR A 286 3.98 2.33 29.33
C THR A 286 4.13 3.81 28.98
N LYS A 287 4.92 4.52 29.81
CA LYS A 287 5.12 5.95 29.64
C LYS A 287 6.56 6.30 29.29
N ALA A 288 7.51 6.05 30.19
CA ALA A 288 8.90 6.42 29.98
C ALA A 288 9.77 5.18 29.76
N LEU A 289 10.98 5.42 29.26
CA LEU A 289 11.89 4.32 28.98
C LEU A 289 12.45 3.70 30.25
N THR A 290 12.50 4.47 31.33
CA THR A 290 13.07 3.99 32.59
C THR A 290 12.09 3.12 33.39
N GLU A 291 10.92 2.81 32.85
CA GLU A 291 9.94 2.01 33.57
C GLU A 291 10.42 0.57 33.66
N VAL A 292 10.77 0.14 34.89
CA VAL A 292 11.05 -1.27 35.11
C VAL A 292 9.77 -2.07 34.99
N ILE A 293 9.85 -3.24 34.35
CA ILE A 293 8.66 -4.02 34.05
C ILE A 293 8.87 -5.48 34.44
N PRO A 294 7.96 -6.10 35.20
CA PRO A 294 8.08 -7.53 35.49
C PRO A 294 7.70 -8.37 34.29
N LEU A 295 8.50 -9.39 34.02
CA LEU A 295 8.25 -10.29 32.91
C LEU A 295 7.19 -11.33 33.29
N THR A 296 6.22 -11.52 32.41
CA THR A 296 5.21 -12.54 32.62
C THR A 296 5.76 -13.93 32.31
N GLU A 297 4.99 -14.96 32.65
CA GLU A 297 5.42 -16.33 32.38
C GLU A 297 5.59 -16.58 30.89
N GLU A 298 4.66 -16.07 30.08
CA GLU A 298 4.76 -16.23 28.63
C GLU A 298 5.94 -15.43 28.07
N ALA A 299 6.14 -14.20 28.57
CA ALA A 299 7.26 -13.40 28.11
C ALA A 299 8.59 -14.01 28.55
N GLU A 300 8.64 -14.56 29.76
CA GLU A 300 9.85 -15.22 30.22
C GLU A 300 10.14 -16.48 29.42
N LEU A 301 9.09 -17.19 29.00
CA LEU A 301 9.28 -18.40 28.22
C LEU A 301 9.64 -18.05 26.78
N GLU A 302 9.07 -16.97 26.25
CA GLU A 302 9.38 -16.56 24.88
C GLU A 302 10.85 -16.18 24.73
N LEU A 303 11.38 -15.45 25.71
CA LEU A 303 12.79 -15.08 25.66
C LEU A 303 13.70 -16.29 25.78
N ALA A 304 13.28 -17.31 26.54
CA ALA A 304 14.12 -18.48 26.73
C ALA A 304 14.30 -19.26 25.44
N GLU A 305 13.21 -19.46 24.69
CA GLU A 305 13.32 -20.20 23.43
C GLU A 305 13.98 -19.36 22.35
N ASN A 306 13.89 -18.03 22.43
CA ASN A 306 14.63 -17.19 21.50
C ASN A 306 16.13 -17.28 21.75
N ARG A 307 16.53 -17.37 23.02
CA ARG A 307 17.96 -17.50 23.34
C ARG A 307 18.53 -18.83 22.85
N GLU A 308 17.71 -19.89 22.86
CA GLU A 308 18.20 -21.18 22.38
C GLU A 308 18.34 -21.21 20.87
N ILE A 309 17.50 -20.46 20.16
CA ILE A 309 17.61 -20.40 18.70
C ILE A 309 18.91 -19.69 18.30
N LEU A 310 19.26 -18.62 19.01
CA LEU A 310 20.44 -17.85 18.64
C LEU A 310 21.75 -18.59 18.89
N LYS A 311 21.73 -19.65 19.71
CA LYS A 311 22.95 -20.41 19.96
C LYS A 311 23.34 -21.29 18.79
N GLU A 312 22.41 -21.62 17.91
CA GLU A 312 22.71 -22.52 16.80
C GLU A 312 23.38 -21.77 15.66
N PRO A 313 24.31 -22.40 14.95
CA PRO A 313 24.95 -21.72 13.81
C PRO A 313 24.00 -21.64 12.64
N VAL A 314 24.01 -20.49 11.96
CA VAL A 314 23.11 -20.24 10.85
C VAL A 314 23.81 -19.36 9.83
N HIS A 315 23.41 -19.49 8.57
CA HIS A 315 23.95 -18.67 7.49
C HIS A 315 22.94 -18.64 6.36
N GLY A 316 23.14 -17.69 5.44
CA GLY A 316 22.35 -17.60 4.23
C GLY A 316 23.22 -17.79 3.00
N VAL A 317 22.54 -17.97 1.86
CA VAL A 317 23.24 -18.12 0.59
C VAL A 317 22.91 -16.93 -0.30
N TYR A 318 23.46 -16.92 -1.51
CA TYR A 318 23.26 -15.83 -2.46
C TYR A 318 22.22 -16.21 -3.50
N TYR A 319 21.73 -15.20 -4.20
CA TYR A 319 20.60 -15.37 -5.11
C TYR A 319 21.07 -15.85 -6.47
N ASP A 320 20.38 -16.85 -7.01
CA ASP A 320 20.62 -17.37 -8.36
C ASP A 320 19.37 -17.13 -9.19
N PRO A 321 19.39 -16.18 -10.13
CA PRO A 321 18.16 -15.87 -10.88
C PRO A 321 17.69 -16.98 -11.80
N SER A 322 18.53 -17.99 -12.06
CA SER A 322 18.13 -19.13 -12.88
C SER A 322 17.24 -20.12 -12.14
N LYS A 323 17.05 -19.93 -10.84
CA LYS A 323 16.21 -20.80 -10.02
C LYS A 323 14.98 -20.04 -9.56
N ASP A 324 14.00 -20.79 -9.06
CA ASP A 324 12.77 -20.18 -8.56
C ASP A 324 12.96 -19.66 -7.14
N LEU A 325 12.12 -18.71 -6.77
CA LEU A 325 12.04 -18.21 -5.40
C LEU A 325 10.92 -18.93 -4.67
N ILE A 326 11.25 -19.52 -3.52
CA ILE A 326 10.29 -20.30 -2.74
C ILE A 326 10.22 -19.72 -1.34
N ALA A 327 9.00 -19.46 -0.88
CA ALA A 327 8.75 -18.96 0.46
C ALA A 327 7.82 -19.92 1.18
N GLU A 328 8.31 -20.54 2.25
CA GLU A 328 7.53 -21.46 3.07
C GLU A 328 7.19 -20.77 4.38
N ILE A 329 5.91 -20.84 4.76
CA ILE A 329 5.40 -20.13 5.94
C ILE A 329 5.04 -21.15 7.00
N GLN A 330 5.47 -20.89 8.24
CA GLN A 330 5.15 -21.70 9.40
C GLN A 330 4.33 -20.87 10.37
N LYS A 331 3.35 -21.50 11.01
CA LYS A 331 2.46 -20.82 11.94
C LYS A 331 2.92 -21.05 13.38
N GLN A 332 2.99 -19.96 14.14
CA GLN A 332 3.04 -20.01 15.59
C GLN A 332 1.75 -19.41 16.16
N GLY A 333 1.58 -19.54 17.47
CA GLY A 333 0.37 -19.08 18.10
C GLY A 333 0.30 -17.57 18.24
N GLN A 334 -0.86 -17.10 18.68
CA GLN A 334 -1.10 -15.70 19.02
C GLN A 334 -0.80 -14.76 17.85
N GLY A 335 -1.24 -15.14 16.66
CA GLY A 335 -1.05 -14.30 15.49
C GLY A 335 0.39 -14.12 15.06
N GLN A 336 1.23 -15.13 15.27
CA GLN A 336 2.64 -15.05 14.93
C GLN A 336 2.96 -16.02 13.80
N TRP A 337 3.80 -15.57 12.86
CA TRP A 337 4.16 -16.36 11.70
C TRP A 337 5.63 -16.17 11.41
N THR A 338 6.26 -17.23 10.91
CA THR A 338 7.66 -17.19 10.48
C THR A 338 7.76 -17.82 9.10
N TYR A 339 8.77 -17.41 8.34
CA TYR A 339 8.92 -17.90 6.98
C TYR A 339 10.39 -18.02 6.63
N GLN A 340 10.65 -18.88 5.65
CA GLN A 340 11.99 -19.11 5.13
C GLN A 340 11.94 -18.99 3.61
N ILE A 341 12.79 -18.15 3.04
CA ILE A 341 12.88 -17.95 1.60
C ILE A 341 14.13 -18.65 1.10
N TYR A 342 13.96 -19.53 0.11
CA TYR A 342 15.07 -20.33 -0.39
C TYR A 342 14.82 -20.68 -1.85
N GLN A 343 15.88 -21.18 -2.50
CA GLN A 343 15.79 -21.72 -3.85
C GLN A 343 16.07 -23.21 -3.91
N GLU A 344 16.87 -23.73 -2.99
CA GLU A 344 17.14 -25.15 -2.82
C GLU A 344 16.77 -25.55 -1.39
N PRO A 345 16.28 -26.77 -1.18
CA PRO A 345 15.84 -27.16 0.17
C PRO A 345 16.95 -27.05 1.20
N PHE A 346 16.61 -26.49 2.36
CA PHE A 346 17.52 -26.34 3.50
C PHE A 346 18.71 -25.45 3.18
N LYS A 347 18.54 -24.52 2.22
CA LYS A 347 19.55 -23.53 1.88
C LYS A 347 18.84 -22.17 1.82
N ASN A 348 18.59 -21.60 3.00
CA ASN A 348 17.82 -20.37 3.10
C ASN A 348 18.57 -19.20 2.50
N LEU A 349 17.90 -18.44 1.64
CA LEU A 349 18.39 -17.11 1.28
C LEU A 349 18.29 -16.17 2.46
N LYS A 350 17.10 -16.09 3.06
CA LYS A 350 16.88 -15.34 4.28
C LYS A 350 15.64 -15.89 4.95
N THR A 351 15.39 -15.42 6.19
CA THR A 351 14.19 -15.76 6.92
C THR A 351 13.49 -14.48 7.36
N GLY A 352 12.40 -14.63 8.08
CA GLY A 352 11.67 -13.48 8.57
C GLY A 352 10.49 -13.92 9.40
N LYS A 353 9.72 -12.94 9.83
CA LYS A 353 8.53 -13.20 10.64
C LYS A 353 7.47 -12.15 10.35
N TYR A 354 6.22 -12.51 10.62
CA TYR A 354 5.10 -11.59 10.51
C TYR A 354 4.19 -11.82 11.71
N ALA A 355 3.93 -10.74 12.45
CA ALA A 355 3.09 -10.84 13.64
C ALA A 355 2.17 -9.64 13.82
N ARG A 356 2.00 -8.81 12.79
CA ARG A 356 1.15 -7.63 12.91
C ARG A 356 -0.31 -8.03 13.05
N MET A 357 -0.99 -7.45 14.02
CA MET A 357 -2.41 -7.72 14.26
C MET A 357 -3.23 -6.62 13.59
N ARG A 358 -3.94 -6.98 12.53
CA ARG A 358 -4.81 -6.06 11.81
C ARG A 358 -6.26 -6.39 12.15
N GLY A 359 -7.00 -5.38 12.58
CA GLY A 359 -8.40 -5.58 12.90
C GLY A 359 -8.62 -6.07 14.31
N ALA A 360 -9.78 -5.69 14.87
CA ALA A 360 -10.14 -6.17 16.20
C ALA A 360 -10.50 -7.64 16.18
N HIS A 361 -11.02 -8.14 15.06
CA HIS A 361 -11.43 -9.53 14.92
C HIS A 361 -10.88 -10.07 13.60
N THR A 362 -10.29 -11.26 13.66
CA THR A 362 -9.69 -11.87 12.47
C THR A 362 -9.59 -13.37 12.69
N ASN A 363 -9.07 -14.07 11.69
CA ASN A 363 -8.84 -15.50 11.77
C ASN A 363 -7.48 -15.82 11.15
N ASP A 364 -7.08 -17.10 11.23
CA ASP A 364 -5.78 -17.51 10.74
C ASP A 364 -5.67 -17.41 9.22
N VAL A 365 -6.79 -17.47 8.50
CA VAL A 365 -6.73 -17.39 7.04
C VAL A 365 -6.46 -15.95 6.59
N LYS A 366 -7.06 -14.97 7.27
CA LYS A 366 -6.77 -13.58 6.96
C LYS A 366 -5.31 -13.25 7.23
N GLN A 367 -4.80 -13.65 8.40
CA GLN A 367 -3.41 -13.35 8.75
C GLN A 367 -2.45 -14.02 7.79
N LEU A 368 -2.74 -15.24 7.35
CA LEU A 368 -1.90 -15.91 6.37
C LEU A 368 -1.88 -15.14 5.05
N THR A 369 -3.04 -14.64 4.61
CA THR A 369 -3.09 -13.82 3.41
C THR A 369 -2.27 -12.55 3.58
N GLU A 370 -2.30 -11.96 4.78
CA GLU A 370 -1.54 -10.74 5.02
C GLU A 370 -0.04 -11.02 5.04
N ALA A 371 0.36 -12.16 5.59
CA ALA A 371 1.78 -12.53 5.58
C ALA A 371 2.26 -12.78 4.17
N VAL A 372 1.44 -13.42 3.34
CA VAL A 372 1.80 -13.64 1.94
C VAL A 372 2.02 -12.32 1.22
N GLN A 373 1.20 -11.32 1.52
CA GLN A 373 1.34 -10.02 0.86
C GLN A 373 2.58 -9.28 1.35
N LYS A 374 2.94 -9.43 2.63
CA LYS A 374 4.14 -8.79 3.14
C LYS A 374 5.40 -9.42 2.52
N ILE A 375 5.43 -10.75 2.44
CA ILE A 375 6.57 -11.44 1.83
C ILE A 375 6.66 -11.13 0.35
N THR A 376 5.52 -10.96 -0.32
CA THR A 376 5.53 -10.65 -1.75
C THR A 376 6.16 -9.28 -2.00
N THR A 377 5.75 -8.26 -1.25
CA THR A 377 6.33 -6.93 -1.41
C THR A 377 7.80 -6.93 -1.02
N GLU A 378 8.16 -7.67 0.04
CA GLU A 378 9.56 -7.76 0.44
C GLU A 378 10.40 -8.45 -0.64
N SER A 379 9.84 -9.47 -1.28
CA SER A 379 10.59 -10.19 -2.32
C SER A 379 10.79 -9.34 -3.57
N ILE A 380 9.80 -8.49 -3.90
CA ILE A 380 9.95 -7.62 -5.05
C ILE A 380 11.07 -6.60 -4.82
N VAL A 381 11.21 -6.13 -3.58
CA VAL A 381 12.28 -5.20 -3.26
C VAL A 381 13.65 -5.88 -3.43
N ILE A 382 13.81 -7.05 -2.82
CA ILE A 382 15.15 -7.66 -2.75
C ILE A 382 15.52 -8.34 -4.06
N TRP A 383 14.57 -9.05 -4.69
CA TRP A 383 14.89 -9.83 -5.88
C TRP A 383 14.19 -9.35 -7.14
N GLY A 384 13.22 -8.43 -7.05
CA GLY A 384 12.56 -7.93 -8.23
C GLY A 384 11.49 -8.83 -8.79
N LYS A 385 11.03 -9.83 -8.03
CA LYS A 385 10.01 -10.75 -8.50
C LYS A 385 9.29 -11.34 -7.30
N THR A 386 8.21 -12.04 -7.58
CA THR A 386 7.31 -12.73 -6.67
C THR A 386 7.77 -14.17 -6.48
N PRO A 387 7.79 -14.67 -5.25
CA PRO A 387 8.16 -16.07 -5.01
C PRO A 387 6.97 -17.01 -5.09
N LYS A 388 7.28 -18.29 -5.26
CA LYS A 388 6.29 -19.34 -5.14
C LYS A 388 6.19 -19.75 -3.67
N PHE A 389 4.98 -20.04 -3.23
CA PHE A 389 4.71 -20.20 -1.80
C PHE A 389 4.46 -21.66 -1.45
N LYS A 390 4.83 -22.01 -0.21
CA LYS A 390 4.58 -23.31 0.40
C LYS A 390 3.79 -23.03 1.67
N LEU A 391 2.46 -23.21 1.61
CA LEU A 391 1.64 -22.77 2.72
C LEU A 391 1.03 -23.97 3.47
N PRO A 392 0.90 -23.87 4.80
CA PRO A 392 0.30 -24.93 5.61
C PRO A 392 -1.23 -24.86 5.68
N ILE A 393 -1.86 -24.74 4.51
CA ILE A 393 -3.31 -24.66 4.42
C ILE A 393 -3.77 -25.54 3.26
N GLN A 394 -4.84 -26.29 3.49
CA GLN A 394 -5.37 -27.15 2.45
C GLN A 394 -5.95 -26.33 1.30
N LYS A 395 -5.84 -26.87 0.08
CA LYS A 395 -6.47 -26.23 -1.07
C LYS A 395 -7.97 -26.12 -0.88
N GLU A 396 -8.58 -27.12 -0.24
CA GLU A 396 -10.02 -27.08 0.01
C GLU A 396 -10.38 -26.01 1.02
N THR A 397 -9.52 -25.79 2.02
CA THR A 397 -9.77 -24.74 3.00
C THR A 397 -9.76 -23.37 2.34
N TRP A 398 -8.79 -23.12 1.46
CA TRP A 398 -8.73 -21.84 0.77
C TRP A 398 -9.90 -21.65 -0.18
N GLU A 399 -10.27 -22.71 -0.91
CA GLU A 399 -11.41 -22.64 -1.82
C GLU A 399 -12.68 -22.24 -1.08
N THR A 400 -12.88 -22.78 0.13
CA THR A 400 -14.06 -22.43 0.91
C THR A 400 -14.03 -20.98 1.35
N TRP A 401 -12.85 -20.47 1.72
CA TRP A 401 -12.76 -19.13 2.28
C TRP A 401 -13.08 -18.06 1.24
N TRP A 402 -12.33 -18.05 0.13
CA TRP A 402 -12.51 -16.99 -0.86
C TRP A 402 -13.75 -17.17 -1.71
N THR A 403 -14.46 -18.31 -1.58
CA THR A 403 -15.76 -18.44 -2.24
C THR A 403 -16.82 -17.63 -1.53
N GLU A 404 -16.84 -17.69 -0.19
CA GLU A 404 -17.87 -17.04 0.60
C GLU A 404 -17.48 -15.64 1.09
N TYR A 405 -16.19 -15.31 1.07
CA TYR A 405 -15.75 -14.02 1.60
C TYR A 405 -16.14 -12.90 0.65
N TRP A 406 -16.76 -11.85 1.20
CA TRP A 406 -17.28 -10.76 0.37
C TRP A 406 -16.18 -9.91 -0.24
N GLN A 407 -14.99 -9.89 0.34
CA GLN A 407 -13.89 -9.11 -0.20
C GLN A 407 -13.10 -9.94 -1.21
N ALA A 408 -12.41 -9.23 -2.11
CA ALA A 408 -11.54 -9.86 -3.08
C ALA A 408 -10.22 -10.20 -2.40
N THR A 409 -9.86 -11.49 -2.41
CA THR A 409 -8.61 -11.94 -1.82
C THR A 409 -7.99 -12.98 -2.75
N TRP A 410 -6.67 -12.98 -2.84
CA TRP A 410 -5.98 -13.86 -3.78
C TRP A 410 -4.58 -14.15 -3.26
N ILE A 411 -4.11 -15.37 -3.53
CA ILE A 411 -2.77 -15.81 -3.17
C ILE A 411 -2.10 -16.28 -4.46
N PRO A 412 -0.86 -15.86 -4.74
CA PRO A 412 -0.18 -16.33 -5.96
C PRO A 412 0.12 -17.81 -5.93
N GLU A 413 0.86 -18.30 -6.93
CA GLU A 413 1.13 -19.72 -7.07
C GLU A 413 1.68 -20.32 -5.79
N TRP A 414 1.02 -21.36 -5.28
CA TRP A 414 1.40 -21.97 -4.02
C TRP A 414 0.98 -23.43 -4.01
N GLU A 415 1.53 -24.18 -3.05
CA GLU A 415 1.15 -25.57 -2.83
C GLU A 415 1.12 -25.83 -1.33
N PHE A 416 0.47 -26.93 -0.96
CA PHE A 416 0.25 -27.27 0.43
C PHE A 416 1.42 -28.07 1.00
N VAL A 417 1.82 -27.73 2.23
CA VAL A 417 2.84 -28.45 2.96
C VAL A 417 2.26 -28.87 4.31
N ASN A 418 2.45 -30.13 4.67
CA ASN A 418 1.91 -30.69 5.91
C ASN A 418 2.92 -30.45 7.03
N THR A 419 2.96 -29.20 7.51
CA THR A 419 3.77 -28.79 8.65
C THR A 419 2.85 -28.15 9.68
N PRO A 420 2.36 -28.93 10.67
CA PRO A 420 1.46 -28.44 11.71
C PRO A 420 2.07 -27.29 12.52
N PRO A 421 1.22 -26.40 13.06
CA PRO A 421 -0.24 -26.43 12.96
C PRO A 421 -0.78 -25.95 11.61
N LEU A 422 -1.79 -26.66 11.10
CA LEU A 422 -2.39 -26.30 9.82
C LEU A 422 -3.41 -25.19 9.99
N VAL A 423 -3.52 -24.35 8.96
CA VAL A 423 -4.46 -23.24 8.96
C VAL A 423 -5.80 -23.73 8.45
N LYS A 424 -6.84 -23.61 9.26
CA LYS A 424 -8.18 -24.05 8.89
C LYS A 424 -9.21 -23.09 9.46
N LEU A 425 -10.42 -23.17 8.90
CA LEU A 425 -11.57 -22.46 9.43
C LEU A 425 -12.23 -23.32 10.50
N TRP A 426 -12.45 -22.73 11.68
CA TRP A 426 -12.89 -23.49 12.84
C TRP A 426 -14.40 -23.67 12.90
N TYR A 427 -15.16 -23.01 12.02
CA TYR A 427 -16.60 -23.20 11.93
C TYR A 427 -17.10 -22.53 10.65
N GLN A 428 -18.24 -23.01 10.16
CA GLN A 428 -18.87 -22.46 8.97
C GLN A 428 -20.34 -22.18 9.27
N LEU A 429 -20.80 -21.00 8.87
CA LEU A 429 -22.22 -20.68 8.98
C LEU A 429 -22.99 -21.31 7.84
N GLU A 430 -24.20 -21.77 8.15
CA GLU A 430 -25.04 -22.38 7.12
C GLU A 430 -25.53 -21.32 6.14
N LYS A 431 -25.73 -21.76 4.89
CA LYS A 431 -26.30 -20.90 3.87
C LYS A 431 -27.81 -20.91 3.86
N GLU A 432 -28.43 -21.93 4.43
CA GLU A 432 -29.88 -22.08 4.46
C GLU A 432 -30.34 -22.33 5.88
N PRO A 433 -31.58 -21.96 6.21
CA PRO A 433 -32.10 -22.25 7.55
C PRO A 433 -32.12 -23.74 7.84
N ILE A 434 -31.92 -24.08 9.11
CA ILE A 434 -31.77 -25.47 9.53
C ILE A 434 -33.13 -26.04 9.88
N VAL A 435 -33.52 -27.13 9.23
CA VAL A 435 -34.74 -27.84 9.58
C VAL A 435 -34.53 -28.59 10.88
N GLY A 436 -35.48 -28.43 11.81
CA GLY A 436 -35.38 -29.10 13.09
C GLY A 436 -34.51 -28.40 14.12
N ALA A 437 -34.12 -27.16 13.87
CA ALA A 437 -33.37 -26.37 14.83
C ALA A 437 -34.26 -25.27 15.40
N GLU A 438 -34.13 -25.03 16.70
CA GLU A 438 -34.91 -23.98 17.34
C GLU A 438 -34.51 -22.62 16.79
N THR A 439 -35.51 -21.77 16.55
CA THR A 439 -35.30 -20.46 15.95
C THR A 439 -35.30 -19.39 17.05
N PHE A 440 -34.16 -18.73 17.22
CA PHE A 440 -34.01 -17.68 18.21
C PHE A 440 -34.11 -16.32 17.55
N TYR A 441 -34.97 -15.47 18.08
CA TYR A 441 -35.05 -14.06 17.68
C TYR A 441 -34.38 -13.24 18.78
N VAL A 442 -33.19 -12.73 18.49
CA VAL A 442 -32.39 -12.04 19.50
C VAL A 442 -32.43 -10.54 19.23
N ASP A 443 -32.17 -9.77 20.29
CA ASP A 443 -32.11 -8.32 20.19
C ASP A 443 -31.46 -7.77 21.45
N GLY A 444 -30.77 -6.64 21.30
CA GLY A 444 -30.24 -5.92 22.43
C GLY A 444 -30.58 -4.45 22.32
N ALA A 445 -30.54 -3.77 23.46
CA ALA A 445 -30.86 -2.36 23.51
C ALA A 445 -30.22 -1.76 24.74
N ALA A 446 -29.68 -0.54 24.59
CA ALA A 446 -28.97 0.12 25.66
C ALA A 446 -29.38 1.58 25.74
N ASN A 447 -29.34 2.13 26.95
CA ASN A 447 -29.67 3.53 27.19
C ASN A 447 -28.39 4.36 27.14
N ARG A 448 -28.41 5.41 26.32
CA ARG A 448 -27.20 6.21 26.12
C ARG A 448 -26.81 6.96 27.40
N GLU A 449 -27.79 7.43 28.16
CA GLU A 449 -27.51 8.22 29.34
C GLU A 449 -27.02 7.35 30.50
N THR A 450 -27.87 6.41 30.94
CA THR A 450 -27.58 5.61 32.13
C THR A 450 -26.59 4.48 31.87
N LYS A 451 -26.30 4.17 30.61
CA LYS A 451 -25.45 3.06 30.20
C LYS A 451 -26.03 1.69 30.58
N LEU A 452 -27.30 1.65 30.98
CA LEU A 452 -27.96 0.38 31.26
C LEU A 452 -28.46 -0.24 29.97
N GLY A 453 -28.53 -1.58 29.96
CA GLY A 453 -28.95 -2.29 28.77
C GLY A 453 -29.59 -3.61 29.10
N LYS A 454 -30.21 -4.20 28.08
CA LYS A 454 -30.83 -5.51 28.19
C LYS A 454 -30.57 -6.29 26.92
N ALA A 455 -30.35 -7.59 27.06
CA ALA A 455 -30.17 -8.50 25.94
C ALA A 455 -31.01 -9.75 26.18
N GLY A 456 -31.62 -10.26 25.12
CA GLY A 456 -32.47 -11.41 25.29
C GLY A 456 -32.90 -12.02 23.98
N TYR A 457 -33.79 -13.00 24.07
CA TYR A 457 -34.27 -13.71 22.90
C TYR A 457 -35.70 -14.18 23.14
N VAL A 458 -36.39 -14.48 22.04
CA VAL A 458 -37.62 -15.26 22.06
C VAL A 458 -37.46 -16.35 21.00
N THR A 459 -38.04 -17.51 21.27
CA THR A 459 -37.93 -18.65 20.37
C THR A 459 -39.31 -19.07 19.89
N ASN A 460 -39.32 -19.74 18.73
CA ASN A 460 -40.56 -20.26 18.18
C ASN A 460 -41.14 -21.38 19.04
N ARG A 461 -40.35 -21.96 19.93
CA ARG A 461 -40.80 -23.02 20.81
C ARG A 461 -41.27 -22.49 22.17
N GLY A 462 -41.42 -21.17 22.30
CA GLY A 462 -42.04 -20.59 23.49
C GLY A 462 -41.07 -20.07 24.54
N ARG A 463 -39.76 -20.27 24.36
CA ARG A 463 -38.81 -19.84 25.37
C ARG A 463 -38.46 -18.37 25.21
N GLN A 464 -38.17 -17.72 26.34
CA GLN A 464 -37.73 -16.33 26.32
C GLN A 464 -36.92 -16.06 27.59
N LYS A 465 -35.98 -15.14 27.49
CA LYS A 465 -35.10 -14.80 28.59
C LYS A 465 -34.50 -13.42 28.33
N VAL A 466 -34.36 -12.62 29.39
CA VAL A 466 -33.79 -11.29 29.31
C VAL A 466 -32.68 -11.17 30.34
N VAL A 467 -31.54 -10.64 29.91
CA VAL A 467 -30.36 -10.44 30.77
C VAL A 467 -30.08 -8.95 30.85
N THR A 468 -29.99 -8.43 32.07
CA THR A 468 -29.68 -7.02 32.29
C THR A 468 -28.18 -6.80 32.29
N LEU A 469 -27.77 -5.62 31.82
CA LEU A 469 -26.37 -5.28 31.66
C LEU A 469 -26.08 -3.90 32.22
N THR A 470 -24.82 -3.70 32.64
CA THR A 470 -24.38 -2.46 33.25
C THR A 470 -23.14 -1.95 32.52
N ASP A 471 -23.10 -0.64 32.30
CA ASP A 471 -21.97 0.02 31.63
C ASP A 471 -21.70 -0.59 30.26
N THR A 472 -22.74 -0.65 29.45
CA THR A 472 -22.70 -1.29 28.14
C THR A 472 -23.07 -0.29 27.05
N THR A 473 -22.94 -0.75 25.82
CA THR A 473 -23.29 0.02 24.63
C THR A 473 -24.31 -0.75 23.81
N ASN A 474 -24.94 -0.05 22.87
CA ASN A 474 -25.94 -0.70 22.01
C ASN A 474 -25.32 -1.83 21.19
N GLN A 475 -24.06 -1.68 20.79
CA GLN A 475 -23.40 -2.74 20.04
C GLN A 475 -23.11 -3.94 20.93
N LYS A 476 -22.70 -3.69 22.18
CA LYS A 476 -22.38 -4.79 23.08
C LYS A 476 -23.62 -5.61 23.44
N THR A 477 -24.77 -4.94 23.57
CA THR A 477 -26.00 -5.66 23.93
C THR A 477 -26.45 -6.58 22.79
N GLU A 478 -26.25 -6.15 21.54
CA GLU A 478 -26.60 -7.00 20.41
C GLU A 478 -25.69 -8.24 20.36
N LEU A 479 -24.41 -8.07 20.69
CA LEU A 479 -23.52 -9.22 20.77
C LEU A 479 -23.85 -10.09 21.98
N GLN A 480 -24.24 -9.47 23.10
CA GLN A 480 -24.63 -10.24 24.27
C GLN A 480 -25.86 -11.09 23.99
N ALA A 481 -26.79 -10.58 23.17
CA ALA A 481 -27.98 -11.34 22.83
C ALA A 481 -27.65 -12.57 21.99
N ILE A 482 -26.73 -12.42 21.04
CA ILE A 482 -26.31 -13.57 20.24
C ILE A 482 -25.58 -14.58 21.11
N TYR A 483 -24.74 -14.09 22.02
CA TYR A 483 -24.04 -14.98 22.94
C TYR A 483 -25.02 -15.75 23.82
N LEU A 484 -26.09 -15.09 24.25
CA LEU A 484 -27.07 -15.75 25.11
C LEU A 484 -27.81 -16.85 24.36
N ALA A 485 -28.16 -16.59 23.09
CA ALA A 485 -28.84 -17.62 22.31
C ALA A 485 -27.96 -18.83 22.08
N LEU A 486 -26.66 -18.62 21.89
CA LEU A 486 -25.75 -19.73 21.68
C LEU A 486 -25.60 -20.57 22.94
N GLN A 487 -25.71 -19.95 24.12
CA GLN A 487 -25.55 -20.70 25.36
C GLN A 487 -26.75 -21.60 25.64
N ASP A 488 -27.95 -21.10 25.39
CA ASP A 488 -29.17 -21.81 25.76
C ASP A 488 -29.74 -22.66 24.64
N SER A 489 -29.08 -22.75 23.49
CA SER A 489 -29.55 -23.54 22.38
C SER A 489 -28.79 -24.86 22.29
N GLY A 490 -29.33 -25.78 21.49
CA GLY A 490 -28.70 -27.06 21.26
C GLY A 490 -27.57 -26.96 20.26
N LEU A 491 -27.17 -28.13 19.74
CA LEU A 491 -26.06 -28.18 18.80
C LEU A 491 -26.40 -27.54 17.45
N GLU A 492 -27.69 -27.41 17.13
CA GLU A 492 -28.14 -26.74 15.93
C GLU A 492 -29.13 -25.64 16.31
N VAL A 493 -28.99 -24.48 15.69
CA VAL A 493 -29.77 -23.30 16.10
C VAL A 493 -29.89 -22.35 14.91
N ASN A 494 -31.07 -21.73 14.80
CA ASN A 494 -31.31 -20.63 13.89
C ASN A 494 -31.41 -19.34 14.72
N ILE A 495 -30.64 -18.32 14.33
CA ILE A 495 -30.60 -17.06 15.05
C ILE A 495 -30.96 -15.93 14.09
N VAL A 496 -31.92 -15.09 14.49
CA VAL A 496 -32.33 -13.93 13.71
C VAL A 496 -32.02 -12.69 14.52
N THR A 497 -31.22 -11.79 13.93
CA THR A 497 -30.82 -10.55 14.57
C THR A 497 -31.12 -9.38 13.64
N ASP A 498 -31.23 -8.18 14.22
CA ASP A 498 -31.41 -6.97 13.45
C ASP A 498 -30.14 -6.14 13.36
N SER A 499 -29.03 -6.63 13.92
CA SER A 499 -27.78 -5.89 14.01
C SER A 499 -26.85 -6.35 12.89
N GLN A 500 -26.67 -5.50 11.88
CA GLN A 500 -25.68 -5.79 10.85
C GLN A 500 -24.26 -5.70 11.39
N TYR A 501 -24.05 -4.93 12.46
CA TYR A 501 -22.75 -4.88 13.11
C TYR A 501 -22.34 -6.26 13.60
N ALA A 502 -23.18 -6.90 14.40
CA ALA A 502 -22.88 -8.24 14.89
C ALA A 502 -22.88 -9.26 13.76
N LEU A 503 -23.73 -9.05 12.74
CA LEU A 503 -23.77 -9.97 11.61
C LEU A 503 -22.46 -9.97 10.85
N GLY A 504 -21.94 -8.78 10.55
CA GLY A 504 -20.70 -8.68 9.80
C GLY A 504 -19.51 -9.28 10.52
N ILE A 505 -19.48 -9.16 11.85
CA ILE A 505 -18.37 -9.74 12.62
C ILE A 505 -18.41 -11.26 12.55
N ILE A 506 -19.58 -11.85 12.77
CA ILE A 506 -19.69 -13.30 12.83
C ILE A 506 -19.56 -13.91 11.44
N GLN A 507 -20.03 -13.23 10.40
CA GLN A 507 -19.94 -13.76 9.05
C GLN A 507 -18.50 -13.90 8.57
N ALA A 508 -17.58 -13.12 9.13
CA ALA A 508 -16.17 -13.20 8.75
C ALA A 508 -15.46 -14.39 9.37
N GLN A 509 -16.14 -15.18 10.20
CA GLN A 509 -15.59 -16.37 10.82
C GLN A 509 -14.28 -16.11 11.58
N PRO A 510 -14.28 -15.21 12.55
CA PRO A 510 -13.05 -14.98 13.33
C PRO A 510 -12.82 -16.09 14.34
N ASP A 511 -11.54 -16.38 14.58
CA ASP A 511 -11.13 -17.31 15.63
C ASP A 511 -10.42 -16.61 16.78
N GLN A 512 -10.10 -15.33 16.64
CA GLN A 512 -9.45 -14.56 17.69
C GLN A 512 -9.97 -13.14 17.64
N SER A 513 -9.93 -12.46 18.79
CA SER A 513 -10.51 -11.13 18.89
C SER A 513 -9.94 -10.42 20.11
N GLU A 514 -9.92 -9.08 20.03
CA GLU A 514 -9.58 -8.27 21.19
C GLU A 514 -10.70 -8.23 22.21
N SER A 515 -11.93 -8.47 21.79
CA SER A 515 -13.09 -8.44 22.67
C SER A 515 -13.27 -9.82 23.30
N GLU A 516 -13.28 -9.86 24.64
CA GLU A 516 -13.50 -11.12 25.33
C GLU A 516 -14.90 -11.67 25.07
N LEU A 517 -15.89 -10.78 24.91
CA LEU A 517 -17.23 -11.22 24.57
C LEU A 517 -17.25 -11.94 23.23
N VAL A 518 -16.55 -11.38 22.24
CA VAL A 518 -16.48 -12.03 20.93
C VAL A 518 -15.78 -13.37 21.02
N ASN A 519 -14.72 -13.45 21.85
CA ASN A 519 -14.02 -14.71 22.05
C ASN A 519 -14.95 -15.75 22.67
N GLN A 520 -15.79 -15.34 23.62
CA GLN A 520 -16.77 -16.26 24.19
C GLN A 520 -17.76 -16.74 23.13
N ILE A 521 -18.16 -15.84 22.22
CA ILE A 521 -19.05 -16.23 21.13
C ILE A 521 -18.35 -17.22 20.20
N ILE A 522 -17.08 -16.97 19.90
CA ILE A 522 -16.34 -17.86 19.01
C ILE A 522 -16.27 -19.27 19.59
N GLU A 523 -15.98 -19.37 20.89
CA GLU A 523 -15.91 -20.69 21.53
C GLU A 523 -17.26 -21.41 21.45
N GLN A 524 -18.37 -20.66 21.52
CA GLN A 524 -19.68 -21.28 21.36
C GLN A 524 -19.90 -21.75 19.93
N LEU A 525 -19.51 -20.93 18.95
CA LEU A 525 -19.73 -21.29 17.55
C LEU A 525 -18.94 -22.54 17.16
N ILE A 526 -17.73 -22.70 17.71
CA ILE A 526 -16.93 -23.87 17.39
C ILE A 526 -17.59 -25.14 17.92
N LYS A 527 -18.22 -25.06 19.09
CA LYS A 527 -18.84 -26.24 19.68
C LYS A 527 -20.13 -26.64 18.98
N LYS A 528 -20.78 -25.73 18.28
CA LYS A 528 -22.01 -26.05 17.57
C LYS A 528 -21.71 -26.89 16.33
N GLU A 529 -22.72 -27.64 15.90
CA GLU A 529 -22.62 -28.40 14.65
C GLU A 529 -23.24 -27.67 13.47
N LYS A 530 -24.29 -26.90 13.69
CA LYS A 530 -24.91 -26.11 12.63
C LYS A 530 -25.41 -24.80 13.23
N VAL A 531 -25.06 -23.68 12.60
CA VAL A 531 -25.54 -22.36 12.98
C VAL A 531 -25.97 -21.63 11.72
N TYR A 532 -27.19 -21.10 11.73
CA TYR A 532 -27.68 -20.23 10.67
C TYR A 532 -27.99 -18.87 11.26
N LEU A 533 -27.39 -17.83 10.69
CA LEU A 533 -27.57 -16.46 11.16
C LEU A 533 -28.24 -15.65 10.05
N ALA A 534 -29.39 -15.07 10.35
CA ALA A 534 -30.15 -14.27 9.41
C ALA A 534 -30.37 -12.87 9.97
N TRP A 535 -30.66 -11.93 9.07
CA TRP A 535 -30.83 -10.54 9.44
C TRP A 535 -32.20 -10.04 9.00
N VAL A 536 -32.80 -9.19 9.83
CA VAL A 536 -34.08 -8.54 9.51
C VAL A 536 -33.95 -7.06 9.87
N PRO A 537 -34.66 -6.17 9.18
CA PRO A 537 -34.60 -4.74 9.56
C PRO A 537 -35.29 -4.51 10.88
N ALA A 538 -34.66 -3.68 11.72
CA ALA A 538 -35.18 -3.41 13.05
C ALA A 538 -36.36 -2.44 12.98
N HIS A 539 -37.23 -2.55 13.99
CA HIS A 539 -38.35 -1.62 14.17
C HIS A 539 -39.28 -1.61 12.95
N LYS A 540 -39.59 -2.79 12.43
CA LYS A 540 -40.47 -2.93 11.27
C LYS A 540 -41.63 -3.87 11.55
N GLY A 541 -41.88 -4.19 12.81
CA GLY A 541 -42.99 -5.06 13.17
C GLY A 541 -42.85 -6.49 12.75
N ILE A 542 -41.65 -6.92 12.31
CA ILE A 542 -41.44 -8.30 11.91
C ILE A 542 -41.35 -9.18 13.15
N GLY A 543 -42.08 -10.29 13.15
CA GLY A 543 -42.01 -11.24 14.24
C GLY A 543 -41.06 -12.37 13.94
N GLY A 544 -40.44 -12.93 14.98
CA GLY A 544 -40.64 -12.48 16.35
C GLY A 544 -39.62 -11.46 16.81
N ASN A 545 -39.04 -10.73 15.86
CA ASN A 545 -38.16 -9.62 16.20
C ASN A 545 -38.90 -8.54 16.98
N GLU A 546 -40.19 -8.34 16.67
CA GLU A 546 -41.00 -7.39 17.41
C GLU A 546 -41.18 -7.81 18.87
N GLN A 547 -41.33 -9.12 19.10
CA GLN A 547 -41.55 -9.60 20.47
C GLN A 547 -40.30 -9.39 21.33
N VAL A 548 -39.13 -9.74 20.81
CA VAL A 548 -37.91 -9.60 21.60
C VAL A 548 -37.53 -8.13 21.74
N ASP A 549 -37.81 -7.30 20.73
CA ASP A 549 -37.53 -5.88 20.83
C ASP A 549 -38.34 -5.24 21.94
N LYS A 550 -39.63 -5.57 22.02
CA LYS A 550 -40.47 -5.10 23.12
C LYS A 550 -40.01 -5.61 24.47
N LEU A 551 -39.32 -6.76 24.50
CA LEU A 551 -38.85 -7.34 25.76
C LEU A 551 -37.63 -6.61 26.29
N VAL A 552 -36.64 -6.35 25.43
CA VAL A 552 -35.39 -5.74 25.88
C VAL A 552 -35.44 -4.22 25.92
N SER A 553 -36.45 -3.59 25.30
CA SER A 553 -36.57 -2.15 25.34
C SER A 553 -37.27 -1.65 26.60
N ALA A 554 -38.05 -2.50 27.26
CA ALA A 554 -38.80 -2.09 28.44
C ALA A 554 -37.84 -1.69 29.57
N GLY A 555 -38.00 -0.47 30.06
CA GLY A 555 -37.22 0.02 31.18
C GLY A 555 -35.93 0.71 30.80
N ILE A 556 -35.54 0.70 29.53
CA ILE A 556 -34.30 1.36 29.11
C ILE A 556 -34.58 2.27 27.91
N ARG A 557 -35.75 2.13 27.31
CA ARG A 557 -36.16 2.99 26.20
C ARG A 557 -37.59 3.45 26.40
N LYS A 558 -37.95 4.51 25.66
CA LYS A 558 -39.27 5.14 25.76
C LYS A 558 -39.58 5.56 27.18
N PRO B 4 11.43 27.01 -28.77
CA PRO B 4 10.72 27.43 -29.99
C PRO B 4 9.28 27.83 -29.72
N ILE B 5 8.45 26.86 -29.31
CA ILE B 5 7.04 27.12 -29.05
C ILE B 5 6.90 27.86 -27.71
N GLU B 6 5.99 28.82 -27.68
CA GLU B 6 5.78 29.59 -26.47
C GLU B 6 5.06 28.76 -25.41
N THR B 7 5.52 28.88 -24.17
CA THR B 7 4.95 28.12 -23.06
C THR B 7 3.81 28.89 -22.41
N VAL B 8 2.94 28.15 -21.74
CA VAL B 8 1.77 28.70 -21.07
C VAL B 8 1.96 28.57 -19.57
N PRO B 9 1.84 29.66 -18.80
CA PRO B 9 2.03 29.55 -17.35
C PRO B 9 0.93 28.73 -16.71
N VAL B 10 1.33 27.76 -15.90
CA VAL B 10 0.41 26.89 -15.16
C VAL B 10 0.78 26.97 -13.69
N LYS B 11 -0.24 27.05 -12.83
CA LYS B 11 -0.04 27.16 -11.39
C LYS B 11 -0.93 26.16 -10.67
N LEU B 12 -0.73 26.05 -9.36
CA LEU B 12 -1.50 25.16 -8.52
C LEU B 12 -2.71 25.89 -7.94
N LYS B 13 -3.58 25.12 -7.28
CA LYS B 13 -4.70 25.71 -6.59
C LYS B 13 -4.22 26.50 -5.37
N PRO B 14 -4.95 27.54 -4.97
CA PRO B 14 -4.50 28.35 -3.83
C PRO B 14 -4.39 27.55 -2.55
N GLY B 15 -3.24 27.68 -1.89
CA GLY B 15 -3.03 27.00 -0.63
C GLY B 15 -2.67 25.53 -0.72
N MET B 16 -2.27 25.06 -1.90
CA MET B 16 -1.90 23.66 -2.10
C MET B 16 -0.47 23.58 -2.57
N ASP B 17 0.30 22.68 -1.96
CA ASP B 17 1.67 22.42 -2.37
C ASP B 17 1.68 21.28 -3.40
N GLY B 18 2.87 20.96 -3.91
CA GLY B 18 3.01 19.91 -4.88
C GLY B 18 2.87 18.53 -4.26
N PRO B 19 2.86 17.49 -5.09
CA PRO B 19 2.72 16.12 -4.57
C PRO B 19 4.01 15.62 -3.93
N LYS B 20 3.84 14.84 -2.87
CA LYS B 20 4.96 14.23 -2.15
C LYS B 20 4.61 12.78 -1.85
N VAL B 21 4.43 11.98 -2.90
CA VAL B 21 4.00 10.59 -2.78
C VAL B 21 5.20 9.68 -3.02
N LYS B 22 5.40 8.72 -2.12
CA LYS B 22 6.57 7.86 -2.20
C LYS B 22 6.43 6.83 -3.31
N GLN B 23 7.57 6.39 -3.83
CA GLN B 23 7.60 5.36 -4.86
C GLN B 23 7.42 3.98 -4.24
N TRP B 24 6.58 3.16 -4.85
CA TRP B 24 6.35 1.81 -4.36
C TRP B 24 7.27 0.82 -5.05
N PRO B 25 7.46 -0.37 -4.47
CA PRO B 25 8.38 -1.34 -5.08
C PRO B 25 7.96 -1.72 -6.49
N LEU B 26 8.96 -1.95 -7.34
CA LEU B 26 8.75 -2.30 -8.74
C LEU B 26 9.53 -3.56 -9.08
N THR B 27 8.93 -4.41 -9.91
CA THR B 27 9.60 -5.63 -10.33
C THR B 27 10.78 -5.31 -11.24
N GLU B 28 11.61 -6.33 -11.46
CA GLU B 28 12.81 -6.14 -12.27
C GLU B 28 12.48 -5.75 -13.70
N GLU B 29 11.47 -6.40 -14.30
CA GLU B 29 11.13 -6.11 -15.69
C GLU B 29 10.59 -4.69 -15.86
N LYS B 30 9.87 -4.17 -14.86
CA LYS B 30 9.38 -2.80 -14.96
C LYS B 30 10.53 -1.80 -14.81
N ILE B 31 11.46 -2.07 -13.90
CA ILE B 31 12.59 -1.16 -13.70
C ILE B 31 13.46 -1.11 -14.94
N LYS B 32 13.76 -2.28 -15.51
CA LYS B 32 14.56 -2.31 -16.73
C LYS B 32 13.85 -1.58 -17.88
N ALA B 33 12.53 -1.70 -17.95
CA ALA B 33 11.78 -0.99 -18.97
C ALA B 33 11.80 0.51 -18.73
N LEU B 34 11.66 0.93 -17.47
CA LEU B 34 11.66 2.36 -17.16
C LEU B 34 13.04 2.98 -17.41
N VAL B 35 14.11 2.25 -17.08
CA VAL B 35 15.46 2.77 -17.32
C VAL B 35 15.71 2.95 -18.81
N GLU B 36 15.29 1.97 -19.62
CA GLU B 36 15.46 2.08 -21.07
C GLU B 36 14.63 3.23 -21.62
N ILE B 37 13.41 3.41 -21.12
CA ILE B 37 12.54 4.48 -21.61
C ILE B 37 13.09 5.84 -21.19
N CYS B 38 13.54 5.97 -19.95
CA CYS B 38 14.01 7.26 -19.45
C CYS B 38 15.28 7.71 -20.14
N THR B 39 16.17 6.79 -20.51
CA THR B 39 17.37 7.17 -21.23
C THR B 39 17.03 7.76 -22.59
N GLU B 40 16.04 7.18 -23.28
CA GLU B 40 15.65 7.72 -24.58
C GLU B 40 14.87 9.02 -24.42
N MET B 41 14.06 9.13 -23.37
CA MET B 41 13.37 10.38 -23.10
C MET B 41 14.34 11.49 -22.72
N GLU B 42 15.41 11.14 -22.00
CA GLU B 42 16.41 12.13 -21.64
C GLU B 42 17.25 12.54 -22.84
N LYS B 43 17.59 11.58 -23.71
CA LYS B 43 18.35 11.90 -24.92
C LYS B 43 17.59 12.86 -25.81
N GLU B 44 16.26 12.80 -25.81
CA GLU B 44 15.42 13.63 -26.65
C GLU B 44 14.93 14.88 -25.93
N GLY B 45 15.51 15.20 -24.77
CA GLY B 45 15.18 16.43 -24.06
C GLY B 45 13.84 16.42 -23.35
N LYS B 46 13.14 15.29 -23.32
CA LYS B 46 11.81 15.27 -22.71
C LYS B 46 11.88 15.33 -21.18
N ILE B 47 12.94 14.77 -20.59
CA ILE B 47 13.13 14.78 -19.15
C ILE B 47 14.56 15.15 -18.83
N SER B 48 14.78 15.59 -17.59
CA SER B 48 16.10 15.95 -17.11
C SER B 48 16.28 15.44 -15.69
N LYS B 49 17.51 15.05 -15.37
CA LYS B 49 17.82 14.60 -14.02
C LYS B 49 17.75 15.76 -13.03
N ILE B 50 17.27 15.46 -11.83
CA ILE B 50 17.17 16.44 -10.76
C ILE B 50 17.75 15.85 -9.48
N GLY B 51 17.90 16.69 -8.47
CA GLY B 51 18.48 16.29 -7.21
C GLY B 51 17.47 16.25 -6.08
N PRO B 52 17.94 16.05 -4.86
CA PRO B 52 17.03 15.96 -3.71
C PRO B 52 16.55 17.30 -3.19
N GLU B 53 17.08 18.42 -3.69
CA GLU B 53 16.58 19.72 -3.26
C GLU B 53 15.20 20.00 -3.80
N ASN B 54 14.74 19.25 -4.79
CA ASN B 54 13.36 19.25 -5.24
C ASN B 54 12.57 18.37 -4.28
N PRO B 55 11.67 18.94 -3.48
CA PRO B 55 11.00 18.17 -2.43
C PRO B 55 9.80 17.36 -2.90
N TYR B 56 9.46 17.40 -4.18
CA TYR B 56 8.26 16.76 -4.69
C TYR B 56 8.60 15.41 -5.32
N ASN B 57 7.58 14.56 -5.42
CA ASN B 57 7.75 13.26 -6.05
C ASN B 57 6.39 12.66 -6.39
N THR B 58 6.36 11.91 -7.49
CA THR B 58 5.18 11.22 -7.98
C THR B 58 5.57 9.80 -8.36
N PRO B 59 4.81 8.79 -7.93
CA PRO B 59 5.17 7.41 -8.26
C PRO B 59 5.06 7.14 -9.75
N VAL B 60 5.83 6.16 -10.21
CA VAL B 60 5.88 5.78 -11.61
C VAL B 60 6.01 4.27 -11.70
N PHE B 61 5.44 3.70 -12.76
CA PHE B 61 5.59 2.28 -13.07
C PHE B 61 5.44 2.11 -14.57
N ALA B 62 5.27 0.86 -15.00
CA ALA B 62 5.20 0.56 -16.42
C ALA B 62 4.25 -0.61 -16.65
N ILE B 63 3.55 -0.56 -17.78
CA ILE B 63 2.66 -1.64 -18.20
C ILE B 63 3.12 -2.14 -19.56
N LYS B 64 2.97 -3.44 -19.78
CA LYS B 64 3.29 -4.07 -21.05
C LYS B 64 2.00 -4.63 -21.63
N LYS B 65 1.56 -4.07 -22.75
CA LYS B 65 0.34 -4.53 -23.38
C LYS B 65 0.55 -5.94 -23.94
N LYS B 66 -0.57 -6.64 -24.16
CA LYS B 66 -0.58 -8.10 -24.30
C LYS B 66 0.45 -8.64 -25.28
N ASP B 67 0.32 -8.35 -26.57
CA ASP B 67 1.17 -8.95 -27.61
C ASP B 67 2.02 -7.86 -28.26
N SER B 68 3.02 -7.39 -27.53
CA SER B 68 4.00 -6.45 -28.05
C SER B 68 5.11 -6.29 -27.01
N THR B 69 6.36 -6.27 -27.48
CA THR B 69 7.50 -6.05 -26.60
C THR B 69 7.62 -4.60 -26.15
N LYS B 70 6.70 -3.73 -26.56
CA LYS B 70 6.71 -2.34 -26.14
C LYS B 70 6.20 -2.22 -24.71
N TRP B 71 6.87 -1.38 -23.92
CA TRP B 71 6.43 -1.02 -22.59
C TRP B 71 5.90 0.40 -22.60
N ARG B 72 4.93 0.67 -21.73
CA ARG B 72 4.29 1.96 -21.62
C ARG B 72 4.55 2.53 -20.24
N LYS B 73 5.25 3.67 -20.19
CA LYS B 73 5.52 4.34 -18.94
C LYS B 73 4.26 4.99 -18.41
N LEU B 74 3.91 4.71 -17.16
CA LEU B 74 2.73 5.27 -16.52
C LEU B 74 3.16 6.05 -15.28
N VAL B 75 2.77 7.31 -15.22
CA VAL B 75 3.03 8.18 -14.07
C VAL B 75 1.71 8.41 -13.35
N ASP B 76 1.70 8.15 -12.04
CA ASP B 76 0.48 8.28 -11.23
C ASP B 76 0.33 9.74 -10.81
N PHE B 77 -0.17 10.54 -11.76
CA PHE B 77 -0.29 11.99 -11.60
C PHE B 77 -1.60 12.43 -10.94
N ARG B 78 -2.41 11.51 -10.44
CA ARG B 78 -3.72 11.89 -9.93
C ARG B 78 -3.63 12.78 -8.70
N GLU B 79 -2.53 12.73 -7.95
CA GLU B 79 -2.36 13.67 -6.84
C GLU B 79 -2.02 15.06 -7.37
N LEU B 80 -1.19 15.14 -8.40
CA LEU B 80 -0.89 16.43 -9.02
C LEU B 80 -2.12 16.98 -9.74
N ASN B 81 -2.92 16.11 -10.35
CA ASN B 81 -4.11 16.57 -11.07
C ASN B 81 -5.12 17.21 -10.12
N LYS B 82 -5.29 16.64 -8.92
CA LYS B 82 -6.16 17.26 -7.93
C LYS B 82 -5.65 18.63 -7.51
N ARG B 83 -4.33 18.81 -7.48
CA ARG B 83 -3.74 20.07 -7.03
C ARG B 83 -3.47 21.05 -8.17
N THR B 84 -3.65 20.63 -9.42
CA THR B 84 -3.40 21.51 -10.56
C THR B 84 -4.55 22.49 -10.74
N HIS B 96 -19.71 17.65 -23.45
CA HIS B 96 -19.44 16.22 -23.61
C HIS B 96 -20.33 15.61 -24.68
N PRO B 97 -19.72 14.93 -25.66
CA PRO B 97 -20.50 14.34 -26.75
C PRO B 97 -21.45 13.25 -26.27
N ALA B 98 -22.75 13.56 -26.22
CA ALA B 98 -23.73 12.57 -25.80
C ALA B 98 -23.92 11.47 -26.82
N GLY B 99 -23.58 11.71 -28.09
CA GLY B 99 -23.72 10.69 -29.11
C GLY B 99 -22.62 9.65 -29.14
N LEU B 100 -21.60 9.81 -28.30
CA LEU B 100 -20.51 8.83 -28.28
C LEU B 100 -20.97 7.49 -27.72
N LYS B 101 -21.86 7.51 -26.74
CA LYS B 101 -22.39 6.29 -26.15
C LYS B 101 -23.48 5.63 -26.99
N LYS B 102 -23.65 6.06 -28.24
CA LYS B 102 -24.68 5.53 -29.13
C LYS B 102 -24.11 4.95 -30.42
N LYS B 103 -22.80 4.73 -30.49
CA LYS B 103 -22.15 4.21 -31.67
C LYS B 103 -21.98 2.70 -31.56
N LYS B 104 -21.97 2.03 -32.71
CA LYS B 104 -21.80 0.58 -32.74
C LYS B 104 -20.41 0.18 -32.24
N SER B 105 -19.37 0.83 -32.76
CA SER B 105 -18.00 0.54 -32.38
C SER B 105 -17.28 1.83 -32.02
N VAL B 106 -16.51 1.78 -30.94
CA VAL B 106 -15.69 2.90 -30.49
C VAL B 106 -14.29 2.38 -30.23
N THR B 107 -13.30 2.95 -30.91
CA THR B 107 -11.91 2.56 -30.75
C THR B 107 -11.17 3.60 -29.91
N VAL B 108 -10.32 3.13 -29.00
CA VAL B 108 -9.55 3.98 -28.11
C VAL B 108 -8.12 4.03 -28.62
N LEU B 109 -7.67 5.22 -29.02
CA LEU B 109 -6.31 5.42 -29.50
C LEU B 109 -5.48 6.10 -28.43
N ASP B 110 -4.22 5.68 -28.30
CA ASP B 110 -3.28 6.25 -27.34
C ASP B 110 -2.46 7.31 -28.07
N VAL B 111 -2.78 8.58 -27.82
CA VAL B 111 -2.12 9.69 -28.48
C VAL B 111 -1.24 10.44 -27.47
N GLY B 112 -0.75 9.72 -26.46
CA GLY B 112 0.06 10.36 -25.44
C GLY B 112 1.38 10.90 -25.95
N ASP B 113 1.93 10.26 -26.99
CA ASP B 113 3.21 10.72 -27.55
C ASP B 113 3.12 12.10 -28.17
N ALA B 114 1.90 12.56 -28.51
CA ALA B 114 1.75 13.88 -29.11
C ALA B 114 2.03 15.01 -28.13
N TYR B 115 2.00 14.74 -26.83
CA TYR B 115 2.25 15.77 -25.83
C TYR B 115 3.73 16.13 -25.71
N PHE B 116 4.63 15.27 -26.18
CA PHE B 116 6.07 15.52 -26.05
C PHE B 116 6.58 16.59 -27.00
N SER B 117 5.74 17.14 -27.87
CA SER B 117 6.15 18.19 -28.80
C SER B 117 5.92 19.59 -28.26
N VAL B 118 5.26 19.73 -27.12
CA VAL B 118 4.94 21.02 -26.53
C VAL B 118 5.74 21.18 -25.24
N PRO B 119 6.50 22.25 -25.07
CA PRO B 119 7.25 22.44 -23.83
C PRO B 119 6.34 22.73 -22.65
N LEU B 120 6.87 22.52 -21.46
CA LEU B 120 6.14 22.73 -20.21
C LEU B 120 6.66 23.97 -19.50
N ASP B 121 5.76 24.66 -18.80
CA ASP B 121 6.14 25.86 -18.04
C ASP B 121 7.28 25.56 -17.09
N GLU B 122 8.31 26.40 -17.14
CA GLU B 122 9.54 26.14 -16.40
C GLU B 122 9.29 26.12 -14.89
N ASP B 123 8.42 27.01 -14.40
CA ASP B 123 8.13 27.07 -12.97
C ASP B 123 7.23 25.94 -12.50
N PHE B 124 6.70 25.12 -13.41
CA PHE B 124 5.84 24.00 -13.05
C PHE B 124 6.55 22.65 -13.12
N ARG B 125 7.72 22.59 -13.77
CA ARG B 125 8.39 21.32 -13.99
C ARG B 125 8.76 20.62 -12.70
N LYS B 126 9.04 21.38 -11.64
CA LYS B 126 9.45 20.79 -10.37
C LYS B 126 8.35 19.93 -9.75
N TYR B 127 7.09 20.13 -10.15
CA TYR B 127 5.99 19.34 -9.60
C TYR B 127 5.81 18.00 -10.31
N THR B 128 6.48 17.77 -11.43
CA THR B 128 6.40 16.52 -12.17
C THR B 128 7.50 15.53 -11.78
N ALA B 129 8.18 15.77 -10.66
CA ALA B 129 9.31 14.93 -10.27
C ALA B 129 8.86 13.50 -10.00
N PHE B 130 9.69 12.55 -10.44
CA PHE B 130 9.48 11.13 -10.15
C PHE B 130 10.84 10.47 -9.92
N THR B 131 10.80 9.25 -9.40
CA THR B 131 12.00 8.54 -8.98
C THR B 131 12.00 7.12 -9.52
N ILE B 132 13.10 6.71 -10.13
CA ILE B 132 13.28 5.35 -10.62
C ILE B 132 14.01 4.55 -9.55
N PRO B 133 13.39 3.52 -8.97
CA PRO B 133 14.06 2.74 -7.93
C PRO B 133 15.06 1.76 -8.53
N SER B 134 15.79 1.09 -7.64
CA SER B 134 16.76 0.08 -8.04
C SER B 134 16.47 -1.21 -7.30
N ILE B 135 16.80 -2.33 -7.95
CA ILE B 135 16.58 -3.64 -7.35
C ILE B 135 17.49 -3.82 -6.14
N ASN B 136 16.93 -4.29 -5.03
CA ASN B 136 17.67 -4.56 -3.80
C ASN B 136 18.41 -3.33 -3.28
N ASN B 137 17.94 -2.13 -3.65
CA ASN B 137 18.53 -0.87 -3.19
C ASN B 137 20.04 -0.84 -3.46
N GLU B 138 20.43 -1.33 -4.63
CA GLU B 138 21.82 -1.25 -5.04
C GLU B 138 22.27 0.19 -5.19
N THR B 139 21.36 1.08 -5.55
CA THR B 139 21.61 2.48 -5.83
C THR B 139 20.52 3.30 -5.17
N PRO B 140 20.83 4.52 -4.71
CA PRO B 140 19.77 5.46 -4.34
C PRO B 140 18.84 5.69 -5.53
N GLY B 141 17.63 6.17 -5.22
CA GLY B 141 16.69 6.50 -6.27
C GLY B 141 17.24 7.59 -7.17
N ILE B 142 16.98 7.46 -8.46
CA ILE B 142 17.44 8.42 -9.47
C ILE B 142 16.22 9.17 -9.98
N ARG B 143 16.23 10.49 -9.81
CA ARG B 143 15.06 11.33 -10.00
C ARG B 143 15.12 12.09 -11.31
N TYR B 144 13.95 12.36 -11.87
CA TYR B 144 13.80 13.13 -13.11
C TYR B 144 12.65 14.12 -12.95
N GLN B 145 12.56 15.06 -13.89
CA GLN B 145 11.41 15.93 -14.01
C GLN B 145 11.13 16.14 -15.50
N TYR B 146 9.90 16.55 -15.80
CA TYR B 146 9.47 16.70 -17.19
C TYR B 146 9.80 18.09 -17.72
N ASN B 147 10.24 18.13 -18.98
CA ASN B 147 10.44 19.38 -19.71
C ASN B 147 9.32 19.67 -20.69
N VAL B 148 8.51 18.68 -21.04
CA VAL B 148 7.41 18.85 -21.98
C VAL B 148 6.11 18.49 -21.27
N LEU B 149 5.02 18.44 -22.02
CA LEU B 149 3.73 18.06 -21.44
C LEU B 149 3.74 16.58 -21.08
N PRO B 150 3.63 16.22 -19.80
CA PRO B 150 3.71 14.81 -19.42
C PRO B 150 2.42 14.07 -19.72
N GLN B 151 2.57 12.79 -20.07
CA GLN B 151 1.42 11.93 -20.27
C GLN B 151 0.72 11.69 -18.93
N GLY B 152 -0.61 11.67 -18.95
CA GLY B 152 -1.38 11.43 -17.76
C GLY B 152 -1.53 12.61 -16.83
N TRP B 153 -1.15 13.81 -17.26
CA TRP B 153 -1.32 15.02 -16.46
C TRP B 153 -2.58 15.75 -16.92
N LYS B 154 -3.28 16.35 -15.95
CA LYS B 154 -4.54 17.03 -16.23
C LYS B 154 -4.38 18.15 -17.24
N GLY B 155 -3.30 18.93 -17.12
CA GLY B 155 -3.10 20.07 -17.98
C GLY B 155 -2.63 19.77 -19.39
N SER B 156 -2.19 18.53 -19.64
CA SER B 156 -1.65 18.21 -20.97
C SER B 156 -2.72 18.26 -22.06
N PRO B 157 -3.90 17.63 -21.92
CA PRO B 157 -4.91 17.76 -22.98
C PRO B 157 -5.45 19.17 -23.12
N ALA B 158 -5.48 19.95 -22.03
CA ALA B 158 -6.01 21.31 -22.12
C ALA B 158 -5.08 22.22 -22.92
N ILE B 159 -3.77 22.14 -22.66
CA ILE B 159 -2.82 22.98 -23.39
C ILE B 159 -2.74 22.57 -24.86
N PHE B 160 -2.77 21.27 -25.12
CA PHE B 160 -2.70 20.73 -26.47
C PHE B 160 -4.06 20.78 -27.19
N GLN B 161 -5.10 21.28 -26.53
CA GLN B 161 -6.44 21.25 -27.11
C GLN B 161 -6.51 22.01 -28.43
N SER B 162 -5.91 23.21 -28.46
CA SER B 162 -5.93 24.00 -29.69
C SER B 162 -5.18 23.30 -30.82
N SER B 163 -4.06 22.66 -30.50
CA SER B 163 -3.31 21.94 -31.53
C SER B 163 -4.01 20.64 -31.93
N MET B 164 -4.81 20.06 -31.03
CA MET B 164 -5.51 18.83 -31.36
C MET B 164 -6.65 19.09 -32.34
N THR B 165 -7.35 20.22 -32.18
CA THR B 165 -8.45 20.53 -33.08
C THR B 165 -7.96 20.80 -34.50
N LYS B 166 -6.78 21.40 -34.64
CA LYS B 166 -6.22 21.64 -35.97
C LYS B 166 -5.88 20.33 -36.68
N ILE B 167 -5.43 19.33 -35.93
CA ILE B 167 -5.06 18.05 -36.53
C ILE B 167 -6.30 17.28 -37.00
N LEU B 168 -7.35 17.29 -36.19
CA LEU B 168 -8.55 16.52 -36.47
C LEU B 168 -9.56 17.26 -37.34
N GLU B 169 -9.30 18.54 -37.66
CA GLU B 169 -10.28 19.31 -38.43
C GLU B 169 -10.58 18.72 -39.80
N PRO B 170 -9.59 18.35 -40.63
CA PRO B 170 -9.95 17.76 -41.92
C PRO B 170 -10.64 16.41 -41.80
N PHE B 171 -10.23 15.58 -40.84
CA PHE B 171 -10.85 14.28 -40.68
C PHE B 171 -12.28 14.39 -40.14
N ARG B 172 -12.53 15.38 -39.29
CA ARG B 172 -13.88 15.57 -38.76
C ARG B 172 -14.81 16.12 -39.82
N LYS B 173 -14.30 17.02 -40.67
CA LYS B 173 -15.14 17.55 -41.76
C LYS B 173 -15.46 16.49 -42.79
N GLN B 174 -14.47 15.66 -43.13
CA GLN B 174 -14.68 14.60 -44.10
C GLN B 174 -15.60 13.50 -43.58
N ASN B 175 -15.70 13.35 -42.25
CA ASN B 175 -16.52 12.33 -41.63
C ASN B 175 -17.36 13.00 -40.54
N PRO B 176 -18.54 13.51 -40.89
CA PRO B 176 -19.36 14.22 -39.89
C PRO B 176 -20.08 13.27 -38.93
N ASP B 177 -20.35 12.05 -39.38
CA ASP B 177 -21.05 11.06 -38.57
C ASP B 177 -20.11 10.26 -37.68
N ILE B 178 -18.88 10.72 -37.48
CA ILE B 178 -17.90 10.06 -36.63
C ILE B 178 -17.55 11.01 -35.50
N VAL B 179 -17.79 10.60 -34.26
CA VAL B 179 -17.53 11.42 -33.09
C VAL B 179 -16.16 11.07 -32.55
N ILE B 180 -15.33 12.09 -32.34
CA ILE B 180 -13.99 11.94 -31.80
C ILE B 180 -13.92 12.72 -30.49
N TYR B 181 -13.81 11.99 -29.38
CA TYR B 181 -13.71 12.58 -28.05
C TYR B 181 -12.36 12.27 -27.45
N GLN B 182 -11.77 13.25 -26.76
CA GLN B 182 -10.45 13.12 -26.16
C GLN B 182 -10.56 13.20 -24.66
N TYR B 183 -9.91 12.27 -23.96
CA TYR B 183 -9.79 12.31 -22.51
C TYR B 183 -8.42 11.79 -22.12
N MET B 184 -7.67 12.63 -21.41
CA MET B 184 -6.29 12.31 -20.97
C MET B 184 -5.48 12.00 -22.22
N ASP B 185 -4.74 10.90 -22.26
CA ASP B 185 -3.93 10.53 -23.41
C ASP B 185 -4.70 9.68 -24.42
N ASP B 186 -6.01 9.56 -24.28
CA ASP B 186 -6.82 8.70 -25.12
C ASP B 186 -7.66 9.50 -26.10
N LEU B 187 -7.93 8.90 -27.25
CA LEU B 187 -8.79 9.48 -28.28
C LEU B 187 -9.89 8.47 -28.59
N TYR B 188 -11.13 8.80 -28.25
CA TYR B 188 -12.26 7.91 -28.44
C TYR B 188 -12.93 8.23 -29.77
N VAL B 189 -12.97 7.25 -30.66
CA VAL B 189 -13.49 7.43 -32.01
C VAL B 189 -14.59 6.41 -32.23
N GLY B 190 -15.83 6.90 -32.33
CA GLY B 190 -16.98 6.04 -32.54
C GLY B 190 -17.63 6.29 -33.88
N SER B 191 -18.19 5.22 -34.45
CA SER B 191 -18.86 5.30 -35.74
C SER B 191 -19.94 4.22 -35.79
N ASP B 192 -20.91 4.43 -36.67
CA ASP B 192 -21.94 3.44 -36.95
C ASP B 192 -21.60 2.57 -38.14
N LEU B 193 -20.35 2.62 -38.62
CA LEU B 193 -19.94 1.84 -39.78
C LEU B 193 -19.90 0.35 -39.42
N GLU B 194 -19.95 -0.48 -40.46
CA GLU B 194 -19.81 -1.92 -40.28
C GLU B 194 -18.39 -2.26 -39.86
N ILE B 195 -18.25 -3.34 -39.08
CA ILE B 195 -16.93 -3.83 -38.71
C ILE B 195 -16.17 -4.17 -39.98
N GLY B 196 -14.93 -3.71 -40.05
CA GLY B 196 -14.15 -3.77 -41.28
C GLY B 196 -14.01 -2.40 -41.90
N GLN B 197 -15.15 -1.77 -42.20
CA GLN B 197 -15.13 -0.38 -42.61
C GLN B 197 -14.74 0.53 -41.44
N HIS B 198 -15.08 0.13 -40.22
CA HIS B 198 -14.70 0.91 -39.04
C HIS B 198 -13.19 0.85 -38.82
N ARG B 199 -12.61 -0.35 -38.86
CA ARG B 199 -11.17 -0.50 -38.66
C ARG B 199 -10.39 0.18 -39.78
N THR B 200 -10.89 0.12 -41.01
CA THR B 200 -10.25 0.82 -42.11
C THR B 200 -10.27 2.33 -41.88
N LYS B 201 -11.35 2.84 -41.29
CA LYS B 201 -11.43 4.26 -41.00
C LYS B 201 -10.51 4.64 -39.84
N ILE B 202 -10.31 3.74 -38.88
CA ILE B 202 -9.40 4.02 -37.77
C ILE B 202 -7.96 4.10 -38.28
N GLU B 203 -7.60 3.21 -39.22
CA GLU B 203 -6.26 3.26 -39.80
C GLU B 203 -6.04 4.54 -40.58
N GLU B 204 -7.09 5.09 -41.20
CA GLU B 204 -6.98 6.39 -41.85
C GLU B 204 -6.67 7.47 -40.82
N LEU B 205 -7.24 7.35 -39.62
CA LEU B 205 -6.99 8.35 -38.58
C LEU B 205 -5.57 8.24 -38.04
N ARG B 206 -5.06 7.01 -37.89
CA ARG B 206 -3.68 6.84 -37.45
C ARG B 206 -2.71 7.39 -38.48
N GLN B 207 -2.97 7.14 -39.77
CA GLN B 207 -2.15 7.76 -40.81
C GLN B 207 -2.33 9.27 -40.84
N HIS B 208 -3.50 9.76 -40.42
CA HIS B 208 -3.71 11.19 -40.35
C HIS B 208 -2.89 11.81 -39.22
N LEU B 209 -2.73 11.08 -38.12
CA LEU B 209 -1.91 11.56 -37.01
C LEU B 209 -0.42 11.47 -37.28
N LEU B 210 0.00 10.58 -38.18
CA LEU B 210 1.42 10.45 -38.49
C LEU B 210 1.93 11.59 -39.36
N ARG B 211 1.03 12.35 -40.00
CA ARG B 211 1.47 13.47 -40.82
C ARG B 211 2.01 14.61 -39.96
N TRP B 212 1.56 14.73 -38.71
CA TRP B 212 2.11 15.71 -37.78
C TRP B 212 3.19 15.10 -36.90
N GLY B 213 2.89 13.99 -36.24
CA GLY B 213 3.86 13.32 -35.39
C GLY B 213 3.78 13.75 -33.93
N LEU B 214 4.60 13.13 -33.09
CA LEU B 214 5.56 12.12 -33.52
C LEU B 214 5.17 10.76 -32.94
N GLU B 233 -11.30 -1.96 -28.31
CA GLU B 233 -12.48 -1.86 -29.16
C GLU B 233 -13.75 -1.98 -28.32
N LEU B 234 -14.59 -0.95 -28.38
CA LEU B 234 -15.76 -0.83 -27.53
C LEU B 234 -17.04 -0.97 -28.35
N HIS B 235 -18.14 -1.21 -27.64
CA HIS B 235 -19.48 -1.28 -28.23
C HIS B 235 -20.48 -0.72 -27.24
N PRO B 236 -20.64 0.60 -27.21
CA PRO B 236 -21.58 1.21 -26.25
C PRO B 236 -23.03 0.84 -26.51
N ASP B 237 -23.38 0.34 -27.70
CA ASP B 237 -24.74 -0.05 -27.98
C ASP B 237 -25.17 -1.26 -27.15
N LYS B 238 -24.24 -2.14 -26.82
CA LYS B 238 -24.54 -3.35 -26.07
C LYS B 238 -24.39 -3.17 -24.57
N TRP B 239 -24.08 -1.97 -24.10
CA TRP B 239 -24.01 -1.71 -22.66
C TRP B 239 -25.42 -1.72 -22.08
N THR B 240 -25.65 -2.56 -21.08
CA THR B 240 -26.96 -2.74 -20.48
C THR B 240 -26.91 -2.39 -18.99
N VAL B 241 -28.10 -2.31 -18.40
CA VAL B 241 -28.25 -2.03 -16.97
C VAL B 241 -28.80 -3.28 -16.29
N GLN B 242 -28.39 -3.46 -15.04
CA GLN B 242 -28.83 -4.61 -14.24
C GLN B 242 -29.84 -4.14 -13.20
N PRO B 243 -31.14 -4.32 -13.43
CA PRO B 243 -32.13 -3.87 -12.45
C PRO B 243 -32.24 -4.84 -11.28
N ILE B 244 -32.86 -4.34 -10.21
CA ILE B 244 -33.10 -5.17 -9.04
C ILE B 244 -34.22 -6.16 -9.36
N VAL B 245 -33.98 -7.43 -9.08
CA VAL B 245 -34.93 -8.50 -9.39
C VAL B 245 -35.31 -9.21 -8.10
N LEU B 246 -36.55 -9.68 -8.04
CA LEU B 246 -37.09 -10.40 -6.90
C LEU B 246 -37.25 -11.88 -7.21
N PRO B 247 -37.07 -12.76 -6.22
CA PRO B 247 -37.16 -14.19 -6.50
C PRO B 247 -38.57 -14.63 -6.86
N GLU B 248 -38.64 -15.72 -7.62
CA GLU B 248 -39.91 -16.32 -8.04
C GLU B 248 -39.94 -17.75 -7.52
N LYS B 249 -40.85 -18.03 -6.60
CA LYS B 249 -40.95 -19.33 -5.96
C LYS B 249 -42.40 -19.79 -5.93
N ASP B 250 -42.58 -21.11 -5.81
CA ASP B 250 -43.90 -21.68 -5.59
C ASP B 250 -44.22 -21.88 -4.11
N SER B 251 -43.20 -22.17 -3.31
CA SER B 251 -43.35 -22.36 -1.87
C SER B 251 -42.40 -21.41 -1.15
N TRP B 252 -42.96 -20.62 -0.24
CA TRP B 252 -42.20 -19.62 0.52
C TRP B 252 -42.15 -20.03 1.98
N THR B 253 -40.96 -19.94 2.57
CA THR B 253 -40.79 -20.16 4.01
C THR B 253 -40.72 -18.82 4.72
N VAL B 254 -40.78 -18.88 6.06
CA VAL B 254 -40.60 -17.69 6.87
C VAL B 254 -39.27 -17.02 6.55
N ASN B 255 -38.22 -17.82 6.36
CA ASN B 255 -36.92 -17.26 6.02
C ASN B 255 -36.93 -16.58 4.67
N ASP B 256 -37.60 -17.18 3.68
CA ASP B 256 -37.71 -16.57 2.36
C ASP B 256 -38.38 -15.21 2.44
N ILE B 257 -39.49 -15.13 3.19
CA ILE B 257 -40.22 -13.88 3.30
C ILE B 257 -39.42 -12.85 4.07
N GLN B 258 -38.72 -13.27 5.12
CA GLN B 258 -37.91 -12.33 5.89
C GLN B 258 -36.79 -11.74 5.04
N LYS B 259 -36.15 -12.56 4.21
CA LYS B 259 -35.13 -12.05 3.30
C LYS B 259 -35.73 -11.15 2.24
N LEU B 260 -36.94 -11.47 1.77
CA LEU B 260 -37.60 -10.64 0.77
C LEU B 260 -38.03 -9.31 1.36
N VAL B 261 -38.54 -9.32 2.60
CA VAL B 261 -38.98 -8.09 3.24
C VAL B 261 -37.80 -7.16 3.48
N GLY B 262 -36.66 -7.71 3.94
CA GLY B 262 -35.49 -6.89 4.14
C GLY B 262 -34.96 -6.27 2.86
N LYS B 263 -35.07 -7.01 1.75
CA LYS B 263 -34.60 -6.49 0.47
C LYS B 263 -35.52 -5.39 -0.04
N LEU B 264 -36.84 -5.57 0.10
CA LEU B 264 -37.77 -4.55 -0.34
C LEU B 264 -37.68 -3.31 0.55
N ASN B 265 -37.44 -3.50 1.84
CA ASN B 265 -37.28 -2.36 2.75
C ASN B 265 -36.10 -1.51 2.35
N TRP B 266 -35.00 -2.13 1.93
CA TRP B 266 -33.85 -1.38 1.43
C TRP B 266 -34.16 -0.75 0.07
N ALA B 267 -34.89 -1.48 -0.78
CA ALA B 267 -35.20 -0.97 -2.11
C ALA B 267 -36.16 0.22 -2.06
N SER B 268 -36.94 0.36 -1.00
CA SER B 268 -37.84 1.50 -0.88
C SER B 268 -37.08 2.82 -0.76
N GLN B 269 -35.83 2.78 -0.30
CA GLN B 269 -35.01 3.99 -0.27
C GLN B 269 -34.65 4.47 -1.66
N ILE B 270 -34.64 3.59 -2.66
CA ILE B 270 -34.40 3.96 -4.04
C ILE B 270 -35.71 4.15 -4.81
N TYR B 271 -36.64 3.21 -4.64
CA TYR B 271 -37.96 3.30 -5.27
C TYR B 271 -39.01 3.49 -4.18
N PRO B 272 -39.46 4.73 -3.94
CA PRO B 272 -40.42 4.96 -2.85
C PRO B 272 -41.74 4.24 -3.03
N GLY B 273 -42.06 3.78 -4.23
CA GLY B 273 -43.31 3.06 -4.45
C GLY B 273 -43.36 1.68 -3.86
N ILE B 274 -42.21 1.12 -3.45
CA ILE B 274 -42.18 -0.23 -2.91
C ILE B 274 -42.92 -0.25 -1.58
N LYS B 275 -43.84 -1.21 -1.43
CA LYS B 275 -44.57 -1.42 -0.19
C LYS B 275 -44.34 -2.86 0.30
N VAL B 276 -44.47 -3.05 1.61
CA VAL B 276 -44.16 -4.34 2.22
C VAL B 276 -45.18 -4.64 3.33
N ARG B 277 -46.31 -3.92 3.30
CA ARG B 277 -47.32 -4.08 4.33
C ARG B 277 -47.90 -5.49 4.34
N GLN B 278 -48.36 -5.97 3.19
CA GLN B 278 -49.04 -7.26 3.14
C GLN B 278 -48.06 -8.42 3.32
N LEU B 279 -46.80 -8.23 2.95
CA LEU B 279 -45.81 -9.28 3.16
C LEU B 279 -45.35 -9.37 4.60
N SER B 280 -45.40 -8.25 5.34
CA SER B 280 -44.94 -8.25 6.72
C SER B 280 -45.94 -8.92 7.66
N LYS B 281 -47.24 -8.75 7.41
CA LYS B 281 -48.25 -9.33 8.28
C LYS B 281 -48.31 -10.85 8.17
N LEU B 282 -47.72 -11.43 7.11
CA LEU B 282 -47.58 -12.88 7.06
C LEU B 282 -46.60 -13.40 8.10
N LEU B 283 -45.73 -12.53 8.61
CA LEU B 283 -44.70 -12.93 9.57
C LEU B 283 -45.08 -12.63 11.01
N ARG B 284 -46.36 -12.35 11.27
CA ARG B 284 -46.80 -12.13 12.64
C ARG B 284 -46.62 -13.39 13.47
N GLY B 285 -46.22 -13.21 14.73
CA GLY B 285 -45.91 -14.32 15.59
C GLY B 285 -44.43 -14.60 15.67
N THR B 286 -44.10 -15.71 16.31
CA THR B 286 -42.72 -16.17 16.49
C THR B 286 -42.62 -17.53 15.83
N LYS B 287 -42.33 -17.55 14.54
CA LYS B 287 -42.39 -18.77 13.73
C LYS B 287 -40.98 -19.31 13.45
N ALA B 288 -40.95 -20.60 13.09
CA ALA B 288 -39.71 -21.23 12.67
C ALA B 288 -39.34 -20.78 11.26
N LEU B 289 -38.03 -20.71 11.01
CA LEU B 289 -37.55 -20.19 9.74
C LEU B 289 -37.92 -21.09 8.57
N THR B 290 -38.05 -22.40 8.80
CA THR B 290 -38.35 -23.34 7.74
C THR B 290 -39.84 -23.63 7.61
N GLU B 291 -40.69 -22.90 8.32
CA GLU B 291 -42.13 -23.10 8.20
C GLU B 291 -42.63 -22.50 6.89
N VAL B 292 -43.37 -23.29 6.12
CA VAL B 292 -43.89 -22.84 4.83
C VAL B 292 -45.09 -21.94 5.06
N ILE B 293 -45.09 -20.79 4.39
CA ILE B 293 -46.13 -19.78 4.53
C ILE B 293 -46.81 -19.59 3.19
N PRO B 294 -48.11 -19.84 3.07
CA PRO B 294 -48.81 -19.56 1.82
C PRO B 294 -49.02 -18.06 1.64
N LEU B 295 -48.80 -17.60 0.41
CA LEU B 295 -48.97 -16.19 0.09
C LEU B 295 -50.45 -15.90 -0.15
N THR B 296 -50.98 -14.93 0.59
CA THR B 296 -52.37 -14.51 0.39
C THR B 296 -52.52 -13.79 -0.94
N GLU B 297 -53.77 -13.47 -1.29
CA GLU B 297 -54.02 -12.78 -2.55
C GLU B 297 -53.42 -11.38 -2.55
N GLU B 298 -53.57 -10.65 -1.45
CA GLU B 298 -53.02 -9.29 -1.37
C GLU B 298 -51.49 -9.33 -1.40
N ALA B 299 -50.89 -10.23 -0.62
CA ALA B 299 -49.43 -10.35 -0.61
C ALA B 299 -48.91 -10.84 -1.95
N GLU B 300 -49.67 -11.68 -2.66
CA GLU B 300 -49.25 -12.15 -3.97
C GLU B 300 -49.22 -11.01 -4.98
N LEU B 301 -50.24 -10.14 -4.96
CA LEU B 301 -50.27 -9.00 -5.86
C LEU B 301 -49.29 -7.91 -5.44
N GLU B 302 -49.11 -7.72 -4.13
CA GLU B 302 -48.11 -6.76 -3.66
C GLU B 302 -46.73 -7.11 -4.17
N LEU B 303 -46.41 -8.41 -4.22
CA LEU B 303 -45.13 -8.84 -4.79
C LEU B 303 -45.07 -8.58 -6.29
N ALA B 304 -46.19 -8.81 -6.98
CA ALA B 304 -46.22 -8.59 -8.42
C ALA B 304 -46.13 -7.11 -8.76
N GLU B 305 -46.74 -6.25 -7.95
CA GLU B 305 -46.66 -4.81 -8.19
C GLU B 305 -45.25 -4.30 -7.91
N ASN B 306 -44.58 -4.86 -6.90
CA ASN B 306 -43.22 -4.44 -6.60
C ASN B 306 -42.26 -4.79 -7.73
N ARG B 307 -42.53 -5.89 -8.45
CA ARG B 307 -41.68 -6.24 -9.58
C ARG B 307 -41.78 -5.20 -10.70
N GLU B 308 -42.96 -4.60 -10.88
CA GLU B 308 -43.13 -3.59 -11.91
C GLU B 308 -42.47 -2.26 -11.53
N ILE B 309 -42.48 -1.93 -10.23
CA ILE B 309 -41.85 -0.69 -9.78
C ILE B 309 -40.34 -0.75 -9.96
N LEU B 310 -39.74 -1.93 -9.77
CA LEU B 310 -38.31 -2.08 -9.98
C LEU B 310 -37.91 -1.96 -11.44
N LYS B 311 -38.85 -2.19 -12.37
CA LYS B 311 -38.57 -2.02 -13.79
C LYS B 311 -38.61 -0.56 -14.21
N GLU B 312 -39.33 0.29 -13.48
CA GLU B 312 -39.39 1.70 -13.83
C GLU B 312 -38.05 2.37 -13.57
N PRO B 313 -37.72 3.41 -14.33
CA PRO B 313 -36.44 4.11 -14.12
C PRO B 313 -36.47 4.92 -12.83
N VAL B 314 -35.28 5.12 -12.26
CA VAL B 314 -35.15 5.90 -11.04
C VAL B 314 -35.47 7.36 -11.34
N HIS B 315 -36.29 7.97 -10.49
CA HIS B 315 -36.78 9.32 -10.72
C HIS B 315 -35.92 10.34 -10.00
N GLY B 316 -35.72 11.49 -10.65
CA GLY B 316 -35.03 12.62 -10.05
C GLY B 316 -33.54 12.44 -9.86
N VAL B 317 -32.85 11.89 -10.86
CA VAL B 317 -31.41 11.69 -10.81
C VAL B 317 -30.79 12.49 -11.94
N TYR B 318 -30.14 13.60 -11.58
CA TYR B 318 -29.54 14.51 -12.56
C TYR B 318 -28.04 14.60 -12.30
N TYR B 319 -27.26 14.43 -13.38
CA TYR B 319 -25.80 14.40 -13.26
C TYR B 319 -25.28 15.78 -12.86
N ASP B 320 -24.35 15.79 -11.91
CA ASP B 320 -23.72 17.02 -11.42
C ASP B 320 -22.26 17.01 -11.81
N PRO B 321 -21.83 17.83 -12.77
CA PRO B 321 -20.40 17.84 -13.13
C PRO B 321 -19.51 18.38 -12.03
N SER B 322 -20.03 19.23 -11.15
CA SER B 322 -19.23 19.78 -10.07
C SER B 322 -18.98 18.78 -8.95
N LYS B 323 -19.75 17.70 -8.89
CA LYS B 323 -19.55 16.66 -7.90
C LYS B 323 -18.85 15.45 -8.54
N ASP B 324 -18.29 14.61 -7.68
CA ASP B 324 -17.55 13.44 -8.14
C ASP B 324 -18.49 12.25 -8.31
N LEU B 325 -18.18 11.43 -9.30
CA LEU B 325 -18.89 10.17 -9.49
C LEU B 325 -18.34 9.12 -8.51
N ILE B 326 -19.25 8.40 -7.88
CA ILE B 326 -18.91 7.36 -6.91
C ILE B 326 -19.33 6.01 -7.47
N ALA B 327 -18.41 5.05 -7.46
CA ALA B 327 -18.66 3.71 -7.96
C ALA B 327 -18.42 2.71 -6.84
N GLU B 328 -19.47 1.99 -6.45
CA GLU B 328 -19.35 0.90 -5.49
C GLU B 328 -19.37 -0.42 -6.23
N ILE B 329 -18.50 -1.34 -5.81
CA ILE B 329 -18.40 -2.67 -6.39
C ILE B 329 -18.62 -3.69 -5.28
N GLN B 330 -19.38 -4.74 -5.59
CA GLN B 330 -19.61 -5.84 -4.67
C GLN B 330 -19.22 -7.15 -5.34
N LYS B 331 -18.40 -7.94 -4.66
CA LYS B 331 -18.06 -9.27 -5.12
C LYS B 331 -19.22 -10.21 -4.83
N GLN B 332 -19.78 -10.81 -5.88
CA GLN B 332 -20.93 -11.70 -5.75
C GLN B 332 -20.54 -13.17 -5.77
N GLY B 333 -19.28 -13.50 -6.02
CA GLY B 333 -18.86 -14.87 -6.14
C GLY B 333 -19.11 -15.43 -7.54
N GLN B 334 -18.45 -16.56 -7.83
CA GLN B 334 -18.55 -17.23 -9.12
C GLN B 334 -18.18 -16.31 -10.27
N GLY B 335 -17.26 -15.38 -10.04
CA GLY B 335 -16.85 -14.46 -11.07
C GLY B 335 -17.85 -13.38 -11.41
N GLN B 336 -18.84 -13.15 -10.54
CA GLN B 336 -19.84 -12.13 -10.77
C GLN B 336 -19.52 -10.89 -9.95
N TRP B 337 -19.64 -9.72 -10.58
CA TRP B 337 -19.35 -8.45 -9.93
C TRP B 337 -20.45 -7.46 -10.30
N THR B 338 -21.11 -6.90 -9.29
CA THR B 338 -22.11 -5.86 -9.48
C THR B 338 -21.53 -4.50 -9.12
N TYR B 339 -22.05 -3.45 -9.76
CA TYR B 339 -21.56 -2.11 -9.51
C TYR B 339 -22.68 -1.10 -9.71
N GLN B 340 -22.57 0.01 -8.98
CA GLN B 340 -23.51 1.13 -9.08
C GLN B 340 -22.72 2.42 -9.18
N ILE B 341 -23.22 3.35 -9.99
CA ILE B 341 -22.61 4.67 -10.15
C ILE B 341 -23.60 5.71 -9.68
N TYR B 342 -23.18 6.54 -8.73
CA TYR B 342 -24.04 7.56 -8.16
C TYR B 342 -23.20 8.73 -7.68
N GLN B 343 -23.88 9.83 -7.40
CA GLN B 343 -23.27 11.00 -6.77
C GLN B 343 -23.87 11.33 -5.41
N GLU B 344 -25.15 11.03 -5.21
CA GLU B 344 -25.87 11.12 -3.95
C GLU B 344 -26.39 9.75 -3.55
N PRO B 345 -26.59 9.49 -2.27
CA PRO B 345 -27.05 8.17 -1.84
C PRO B 345 -28.41 7.83 -2.45
N PHE B 346 -28.53 6.59 -2.93
CA PHE B 346 -29.75 6.05 -3.52
C PHE B 346 -30.16 6.79 -4.79
N LYS B 347 -29.26 7.57 -5.38
CA LYS B 347 -29.51 8.28 -6.63
C LYS B 347 -28.59 7.70 -7.71
N ASN B 348 -28.86 6.45 -8.08
CA ASN B 348 -28.00 5.75 -9.03
C ASN B 348 -28.15 6.31 -10.43
N LEU B 349 -27.02 6.63 -11.06
CA LEU B 349 -27.00 7.00 -12.47
C LEU B 349 -26.89 5.78 -13.38
N LYS B 350 -26.35 4.67 -12.87
CA LYS B 350 -26.21 3.45 -13.64
C LYS B 350 -25.96 2.29 -12.69
N THR B 351 -26.57 1.15 -12.97
CA THR B 351 -26.35 -0.08 -12.23
C THR B 351 -26.10 -1.20 -13.23
N GLY B 352 -24.96 -1.87 -13.10
CA GLY B 352 -24.59 -2.93 -14.02
C GLY B 352 -23.95 -4.10 -13.29
N LYS B 353 -23.58 -5.11 -14.06
CA LYS B 353 -22.87 -6.26 -13.52
C LYS B 353 -21.74 -6.62 -14.48
N TYR B 354 -20.78 -7.40 -13.97
CA TYR B 354 -19.57 -7.76 -14.71
C TYR B 354 -19.25 -9.22 -14.42
N ALA B 355 -19.49 -10.09 -15.40
CA ALA B 355 -19.25 -11.52 -15.26
C ALA B 355 -18.00 -11.91 -16.03
N ARG B 356 -17.28 -12.89 -15.50
CA ARG B 356 -16.05 -13.37 -16.12
C ARG B 356 -16.01 -14.89 -16.02
N MET B 357 -14.82 -15.47 -16.13
CA MET B 357 -14.66 -16.91 -16.09
C MET B 357 -15.03 -17.45 -14.71
N ARG B 358 -15.65 -18.64 -14.70
CA ARG B 358 -16.08 -19.28 -13.47
C ARG B 358 -15.24 -20.51 -13.14
N GLY B 359 -14.00 -20.54 -13.60
CA GLY B 359 -13.12 -21.67 -13.38
C GLY B 359 -12.58 -21.70 -11.97
N ALA B 360 -11.55 -22.54 -11.78
CA ALA B 360 -10.91 -22.69 -10.48
C ALA B 360 -9.68 -21.81 -10.32
N HIS B 361 -9.08 -21.36 -11.42
CA HIS B 361 -7.91 -20.50 -11.38
C HIS B 361 -8.27 -19.01 -11.31
N THR B 362 -9.41 -18.68 -10.71
CA THR B 362 -9.88 -17.30 -10.70
C THR B 362 -8.99 -16.43 -9.81
N ASN B 363 -8.60 -15.28 -10.34
CA ASN B 363 -7.84 -14.27 -9.60
C ASN B 363 -8.81 -13.13 -9.28
N ASP B 364 -9.21 -13.03 -8.00
CA ASP B 364 -10.15 -11.99 -7.60
C ASP B 364 -9.59 -10.60 -7.84
N VAL B 365 -8.30 -10.39 -7.54
CA VAL B 365 -7.70 -9.08 -7.73
C VAL B 365 -7.63 -8.73 -9.22
N LYS B 366 -7.24 -9.69 -10.05
CA LYS B 366 -7.19 -9.45 -11.49
C LYS B 366 -8.57 -9.09 -12.03
N GLN B 367 -9.59 -9.84 -11.64
CA GLN B 367 -10.95 -9.54 -12.08
C GLN B 367 -11.40 -8.17 -11.59
N LEU B 368 -11.04 -7.81 -10.35
CA LEU B 368 -11.44 -6.52 -9.82
C LEU B 368 -10.78 -5.38 -10.58
N THR B 369 -9.52 -5.55 -10.98
CA THR B 369 -8.85 -4.52 -11.76
C THR B 369 -9.47 -4.39 -13.14
N GLU B 370 -9.80 -5.52 -13.77
CA GLU B 370 -10.51 -5.47 -15.06
C GLU B 370 -11.87 -4.81 -14.90
N ALA B 371 -12.52 -4.99 -13.75
CA ALA B 371 -13.83 -4.39 -13.53
C ALA B 371 -13.74 -2.88 -13.42
N VAL B 372 -12.78 -2.38 -12.63
CA VAL B 372 -12.69 -0.92 -12.45
C VAL B 372 -12.28 -0.24 -13.75
N GLN B 373 -11.50 -0.92 -14.61
CA GLN B 373 -11.12 -0.33 -15.88
C GLN B 373 -12.33 -0.24 -16.82
N LYS B 374 -13.19 -1.26 -16.83
CA LYS B 374 -14.38 -1.21 -17.66
C LYS B 374 -15.37 -0.19 -17.12
N ILE B 375 -15.52 -0.10 -15.80
CA ILE B 375 -16.43 0.88 -15.21
C ILE B 375 -15.95 2.30 -15.48
N THR B 376 -14.64 2.54 -15.33
CA THR B 376 -14.10 3.86 -15.63
C THR B 376 -14.28 4.21 -17.09
N THR B 377 -14.02 3.25 -17.99
CA THR B 377 -14.19 3.50 -19.42
C THR B 377 -15.63 3.89 -19.73
N GLU B 378 -16.60 3.20 -19.14
CA GLU B 378 -18.00 3.55 -19.35
C GLU B 378 -18.31 4.94 -18.80
N SER B 379 -17.73 5.29 -17.65
CA SER B 379 -17.95 6.62 -17.09
C SER B 379 -17.34 7.71 -17.96
N ILE B 380 -16.21 7.42 -18.62
CA ILE B 380 -15.61 8.40 -19.52
C ILE B 380 -16.47 8.58 -20.76
N VAL B 381 -17.05 7.48 -21.28
CA VAL B 381 -17.87 7.57 -22.47
C VAL B 381 -19.18 8.30 -22.17
N ILE B 382 -19.80 8.01 -21.02
CA ILE B 382 -21.11 8.55 -20.73
C ILE B 382 -21.02 10.00 -20.24
N TRP B 383 -20.10 10.26 -19.30
CA TRP B 383 -20.02 11.57 -18.67
C TRP B 383 -18.70 12.31 -18.89
N GLY B 384 -17.68 11.65 -19.43
CA GLY B 384 -16.40 12.31 -19.62
C GLY B 384 -15.66 12.59 -18.33
N LYS B 385 -15.79 11.72 -17.33
CA LYS B 385 -15.13 11.91 -16.05
C LYS B 385 -14.92 10.55 -15.40
N THR B 386 -13.79 10.42 -14.69
CA THR B 386 -13.49 9.19 -13.99
C THR B 386 -14.15 9.18 -12.61
N PRO B 387 -14.72 8.07 -12.19
CA PRO B 387 -15.36 7.99 -10.88
C PRO B 387 -14.36 7.64 -9.77
N LYS B 388 -14.82 7.84 -8.54
CA LYS B 388 -14.06 7.46 -7.35
C LYS B 388 -14.61 6.13 -6.82
N PHE B 389 -13.74 5.13 -6.76
CA PHE B 389 -14.19 3.77 -6.45
C PHE B 389 -14.11 3.47 -4.97
N LYS B 390 -15.12 2.74 -4.47
CA LYS B 390 -15.08 2.12 -3.15
C LYS B 390 -14.79 0.64 -3.38
N LEU B 391 -13.53 0.26 -3.22
CA LEU B 391 -13.09 -1.08 -3.57
C LEU B 391 -13.26 -2.04 -2.40
N PRO B 392 -13.95 -3.24 -2.61
CA PRO B 392 -14.09 -4.25 -1.54
C PRO B 392 -12.87 -5.16 -1.45
N ILE B 393 -11.77 -4.59 -0.95
CA ILE B 393 -10.50 -5.31 -0.89
C ILE B 393 -9.62 -4.61 0.13
N GLN B 394 -8.75 -5.39 0.78
CA GLN B 394 -7.77 -4.82 1.70
C GLN B 394 -6.82 -3.91 0.93
N LYS B 395 -6.38 -2.84 1.61
CA LYS B 395 -5.48 -1.88 0.97
C LYS B 395 -4.19 -2.55 0.52
N GLU B 396 -3.60 -3.38 1.37
CA GLU B 396 -2.34 -4.02 1.04
C GLU B 396 -2.50 -5.01 -0.11
N THR B 397 -3.62 -5.73 -0.14
CA THR B 397 -3.86 -6.70 -1.20
C THR B 397 -3.94 -6.02 -2.56
N TRP B 398 -4.60 -4.87 -2.62
CA TRP B 398 -4.79 -4.17 -3.89
C TRP B 398 -3.47 -3.58 -4.40
N GLU B 399 -2.78 -2.81 -3.55
CA GLU B 399 -1.57 -2.14 -3.97
C GLU B 399 -0.46 -3.11 -4.37
N THR B 400 -0.56 -4.38 -3.97
CA THR B 400 0.50 -5.33 -4.26
C THR B 400 0.44 -5.84 -5.70
N TRP B 401 -0.77 -6.01 -6.24
CA TRP B 401 -0.92 -6.67 -7.53
C TRP B 401 -1.68 -5.89 -8.59
N TRP B 402 -2.24 -4.71 -8.27
CA TRP B 402 -3.13 -4.05 -9.23
C TRP B 402 -2.38 -3.55 -10.44
N THR B 403 -1.11 -3.12 -10.29
CA THR B 403 -0.35 -2.67 -11.44
C THR B 403 0.00 -3.82 -12.39
N GLU B 404 -0.10 -5.06 -11.93
CA GLU B 404 0.22 -6.22 -12.76
C GLU B 404 -0.88 -6.53 -13.76
N TYR B 405 -2.05 -5.90 -13.65
CA TYR B 405 -3.16 -6.16 -14.56
C TYR B 405 -3.71 -4.88 -15.19
N TRP B 406 -3.06 -3.73 -14.94
CA TRP B 406 -3.55 -2.47 -15.49
C TRP B 406 -3.15 -2.32 -16.94
N GLN B 407 -4.08 -1.83 -17.75
CA GLN B 407 -3.83 -1.62 -19.18
C GLN B 407 -4.21 -0.25 -19.69
N ALA B 408 -4.88 0.57 -18.89
CA ALA B 408 -5.28 1.91 -19.30
C ALA B 408 -4.17 2.90 -19.03
N THR B 409 -4.28 4.07 -19.66
CA THR B 409 -3.32 5.15 -19.47
C THR B 409 -3.69 6.06 -18.31
N TRP B 410 -4.95 6.06 -17.87
CA TRP B 410 -5.40 6.82 -16.72
C TRP B 410 -5.51 5.94 -15.49
N ILE B 411 -5.60 6.58 -14.33
CA ILE B 411 -5.73 5.89 -13.06
C ILE B 411 -6.81 6.60 -12.25
N PRO B 412 -7.91 5.94 -11.92
CA PRO B 412 -8.96 6.59 -11.12
C PRO B 412 -8.58 6.64 -9.65
N GLU B 413 -9.26 7.51 -8.93
CA GLU B 413 -9.12 7.56 -7.49
C GLU B 413 -9.97 6.48 -6.84
N TRP B 414 -9.49 5.96 -5.72
CA TRP B 414 -10.19 4.87 -5.05
C TRP B 414 -9.98 4.95 -3.55
N GLU B 415 -10.90 4.31 -2.82
CA GLU B 415 -10.76 4.08 -1.40
C GLU B 415 -11.18 2.65 -1.10
N PHE B 416 -10.76 2.15 0.06
CA PHE B 416 -11.01 0.77 0.45
C PHE B 416 -12.04 0.73 1.58
N VAL B 417 -12.99 -0.18 1.47
CA VAL B 417 -14.13 -0.24 2.36
C VAL B 417 -14.36 -1.68 2.82
N ASN B 418 -14.86 -1.83 4.04
CA ASN B 418 -15.29 -3.12 4.57
C ASN B 418 -16.79 -3.23 4.31
N THR B 419 -17.14 -3.78 3.15
CA THR B 419 -18.53 -3.75 2.71
C THR B 419 -19.39 -4.66 3.58
N PRO B 420 -20.55 -4.20 4.04
CA PRO B 420 -21.46 -5.10 4.75
C PRO B 420 -22.10 -6.09 3.78
N PRO B 421 -22.39 -7.31 4.22
CA PRO B 421 -22.98 -8.29 3.31
C PRO B 421 -24.45 -8.03 3.01
N LEU B 422 -24.93 -6.84 3.36
CA LEU B 422 -26.32 -6.49 3.07
C LEU B 422 -26.47 -5.96 1.66
N VAL B 423 -25.68 -4.94 1.29
CA VAL B 423 -25.73 -4.40 -0.07
C VAL B 423 -25.33 -5.48 -1.08
N LYS B 424 -24.43 -6.38 -0.69
CA LYS B 424 -24.08 -7.50 -1.54
C LYS B 424 -25.29 -8.38 -1.83
N LEU B 425 -26.16 -8.57 -0.82
CA LEU B 425 -27.34 -9.39 -1.02
C LEU B 425 -28.39 -8.70 -1.90
N TRP B 426 -28.49 -7.38 -1.81
CA TRP B 426 -29.57 -6.68 -2.50
C TRP B 426 -29.38 -6.68 -4.00
N TYR B 427 -28.13 -6.70 -4.47
CA TYR B 427 -27.85 -6.73 -5.90
C TYR B 427 -27.54 -8.14 -6.40
N GLN B 428 -27.81 -9.16 -5.60
CA GLN B 428 -27.60 -10.54 -6.01
C GLN B 428 -28.57 -10.92 -7.13
N LEU B 429 -28.29 -12.06 -7.75
CA LEU B 429 -29.14 -12.60 -8.81
C LEU B 429 -29.34 -14.09 -8.56
N GLU B 430 -30.39 -14.63 -9.19
CA GLU B 430 -30.71 -16.04 -9.04
C GLU B 430 -29.98 -16.88 -10.08
P MRG C 16 11.80 10.24 20.55
OP1 MRG C 16 12.54 11.15 21.61
OP2 MRG C 16 12.18 10.56 19.15
O5' MRG C 16 12.07 8.69 20.94
N9 MRG C 16 10.82 5.14 19.77
C4 MRG C 16 10.47 4.09 18.87
N3 MRG C 16 10.14 2.79 19.07
C2 MRG C 16 9.85 2.06 17.90
N1 MRG C 16 9.88 2.56 16.61
C6 MRG C 16 10.23 3.86 16.47
O6 MRG C 16 10.27 4.39 15.22
C5 MRG C 16 10.54 4.70 17.57
N7 MRG C 16 10.90 6.06 17.64
C8 MRG C 16 11.06 6.26 18.93
N2 MRG C 16 9.50 0.71 18.07
C21 MRG C 16 9.10 0.08 19.36
C22 MRG C 16 10.24 -0.18 20.41
C23 MRG C 16 10.07 -1.45 21.25
S24 MRG C 16 10.49 -1.11 23.02
C2' MRG C 16 12.31 4.66 21.77
C5' MRG C 16 12.16 8.32 22.30
C4' MRG C 16 11.90 6.82 22.49
O4' MRG C 16 10.70 6.40 21.82
C1' MRG C 16 10.92 5.08 21.24
C3' MRG C 16 13.03 5.99 21.85
O3' MRG C 16 14.15 5.92 22.69
MG MG E . 34.10 6.41 5.09
MG MG F . -31.86 -4.54 17.55
MG MG G . 30.77 3.82 5.30
C4 6FN H . 27.18 9.74 9.85
N3 6FN H . 26.48 10.85 9.85
C2 6FN H . 25.93 11.28 11.00
F32 6FN H . 25.20 12.43 11.01
N1 6FN H . 26.11 10.61 12.15
C6 6FN H . 26.81 9.48 12.19
N6 6FN H . 26.99 8.76 13.44
C5 6FN H . 27.37 9.03 11.02
N7 6FN H . 28.19 7.90 10.63
C8 6FN H . 28.38 8.07 9.29
N9 6FN H . 27.79 9.11 9.00
C1' 6FN H . 27.81 9.56 7.66
C2' 6FN H . 28.84 10.64 7.51
C3' 6FN H . 29.98 9.96 6.92
O3' 6FN H . 30.74 10.87 6.07
C4' 6FN H . 29.43 8.84 6.12
C33 6FN H . 29.15 9.28 4.70
C34 6FN H . 28.95 9.61 3.58
O4' 6FN H . 28.18 8.42 6.75
C5' 6FN H . 30.43 7.68 6.10
O5' 6FN H . 30.59 7.17 7.39
PA 6FN H . 32.13 6.76 7.85
O3A 6FN H . 32.95 8.12 8.29
PB 6FN H . 33.82 9.04 7.23
O3B 6FN H . 35.39 9.09 7.71
PG 6FN H . 36.38 7.78 7.60
O3G 6FN H . 36.55 7.14 8.91
O2G 6FN H . 37.83 8.22 6.96
O1G 6FN H . 35.74 6.72 6.84
O2B 6FN H . 33.70 8.52 5.87
O1B 6FN H . 33.24 10.38 7.08
O2A 6FN H . 32.13 5.76 8.91
O1A 6FN H . 32.82 6.05 6.78
#